data_2YRF
#
_entry.id   2YRF
#
_cell.length_a   69.273
_cell.length_b   69.273
_cell.length_c   154.436
_cell.angle_alpha   90.00
_cell.angle_beta   90.00
_cell.angle_gamma   90.00
#
_symmetry.space_group_name_H-M   'P 41'
#
loop_
_entity.id
_entity.type
_entity.pdbx_description
1 polymer 'Methylthioribose-1-phosphate isomerase'
2 non-polymer 'SULFATE ION'
3 water water
#
_entity_poly.entity_id   1
_entity_poly.type   'polypeptide(L)'
_entity_poly.pdbx_seq_one_letter_code
;MGSSHHHHHHSSGLVPRGSHMMTHSFAVPRSVEWKETAITILNQQKLPDETEYLELTTKEDVFDAIVTLKVRGAPAIGIT
AAFGLALAAKDIETDNVTEFRRRLEDIKQYLNSSRPTAINLSWALERLSHSVENAISVNEAKTNLVHEAIQIQVEDEETC
RLIGQNALQLFKKGDRIMTICNAGSIATSRYGTALAPFYLAKQKDLGLHIYACETRPVLQGSRLTAWELMQGGIDVTLIT
DSMAAHTMKEKQISAVIVGADRIAKNGDTANKIGTYGLAILANAFDIPFFVAAPLSTFDTKVKCGADIPIEERDPEEVRQ
ISGVRTAPSNVPVFNPAFDITPHDLISGIITEKGIMTGNYEEEIEQLFKGEKVH
;
_entity_poly.pdbx_strand_id   A,B
#
loop_
_chem_comp.id
_chem_comp.type
_chem_comp.name
_chem_comp.formula
SO4 non-polymer 'SULFATE ION' 'O4 S -2'
#
# COMPACT_ATOMS: atom_id res chain seq x y z
N SER A 31 -9.17 -18.73 18.25
CA SER A 31 -9.12 -17.26 18.56
C SER A 31 -10.30 -16.83 19.42
N VAL A 32 -11.43 -17.51 19.25
CA VAL A 32 -12.61 -17.21 20.05
C VAL A 32 -12.93 -18.51 20.77
N GLU A 33 -13.01 -18.43 22.09
CA GLU A 33 -13.28 -19.59 22.92
C GLU A 33 -14.26 -19.17 24.00
N TRP A 34 -15.30 -19.96 24.20
CA TRP A 34 -16.29 -19.58 25.19
C TRP A 34 -16.27 -20.32 26.53
N LYS A 35 -16.29 -19.53 27.60
CA LYS A 35 -16.34 -20.01 28.98
C LYS A 35 -17.69 -19.43 29.46
N GLU A 36 -18.64 -20.28 29.80
CA GLU A 36 -19.96 -19.80 30.23
C GLU A 36 -19.91 -18.64 31.23
N THR A 37 -18.70 -18.23 31.59
CA THR A 37 -18.49 -17.12 32.52
C THR A 37 -17.87 -15.93 31.80
N ALA A 38 -17.12 -16.23 30.74
CA ALA A 38 -16.46 -15.21 29.93
C ALA A 38 -15.93 -15.76 28.60
N ILE A 39 -15.46 -14.84 27.77
CA ILE A 39 -14.91 -15.20 26.47
C ILE A 39 -13.45 -14.83 26.42
N THR A 40 -12.61 -15.81 26.11
CA THR A 40 -11.19 -15.57 26.02
C THR A 40 -10.86 -15.42 24.52
N ILE A 41 -10.33 -14.25 24.14
CA ILE A 41 -9.98 -14.00 22.75
C ILE A 41 -8.47 -13.74 22.61
N LEU A 42 -7.92 -14.14 21.46
CA LEU A 42 -6.53 -13.90 21.19
C LEU A 42 -6.52 -12.44 20.79
N ASN A 43 -5.73 -11.62 21.47
CA ASN A 43 -5.67 -10.21 21.11
C ASN A 43 -4.95 -10.05 19.79
N GLN A 44 -5.71 -9.95 18.71
CA GLN A 44 -5.12 -9.82 17.39
C GLN A 44 -4.29 -8.58 17.14
N GLN A 45 -4.41 -7.57 18.01
CA GLN A 45 -3.61 -6.37 17.84
C GLN A 45 -2.13 -6.66 17.99
N LYS A 46 -1.81 -7.47 19.00
CA LYS A 46 -0.44 -7.84 19.36
C LYS A 46 0.37 -8.68 18.39
N LEU A 47 -0.25 -9.63 17.73
CA LEU A 47 0.49 -10.45 16.78
C LEU A 47 1.16 -9.46 15.81
N PRO A 48 2.32 -9.84 15.22
CA PRO A 48 3.04 -11.10 15.39
C PRO A 48 3.99 -11.05 16.55
N ASP A 49 3.91 -10.02 17.39
CA ASP A 49 4.86 -9.94 18.48
C ASP A 49 4.50 -10.81 19.69
N GLU A 50 3.31 -10.67 20.23
CA GLU A 50 2.92 -11.50 21.36
C GLU A 50 1.60 -12.22 21.16
N THR A 51 1.47 -13.38 21.79
CA THR A 51 0.24 -14.13 21.72
C THR A 51 -0.43 -13.91 23.06
N GLU A 52 -1.17 -12.82 23.16
CA GLU A 52 -1.86 -12.48 24.38
C GLU A 52 -3.29 -12.98 24.30
N TYR A 53 -3.89 -13.26 25.45
CA TYR A 53 -5.28 -13.72 25.51
C TYR A 53 -5.97 -12.83 26.51
N LEU A 54 -7.17 -12.37 26.20
CA LEU A 54 -7.92 -11.51 27.13
C LEU A 54 -9.21 -12.20 27.50
N GLU A 55 -9.66 -11.95 28.73
CA GLU A 55 -10.89 -12.52 29.26
C GLU A 55 -12.02 -11.49 29.26
N LEU A 56 -12.74 -11.40 28.13
CA LEU A 56 -13.87 -10.48 27.96
C LEU A 56 -15.04 -11.02 28.77
N THR A 57 -15.61 -10.18 29.62
CA THR A 57 -16.68 -10.64 30.50
C THR A 57 -17.86 -9.70 30.54
N THR A 58 -17.65 -8.53 29.98
CA THR A 58 -18.67 -7.53 30.01
C THR A 58 -19.12 -7.18 28.60
N LYS A 59 -20.40 -6.84 28.46
CA LYS A 59 -20.93 -6.51 27.14
C LYS A 59 -20.22 -5.31 26.55
N GLU A 60 -19.45 -4.62 27.37
CA GLU A 60 -18.69 -3.44 26.92
C GLU A 60 -17.26 -3.84 26.55
N ASP A 61 -16.82 -4.98 27.09
CA ASP A 61 -15.49 -5.54 26.84
C ASP A 61 -15.46 -6.15 25.45
N VAL A 62 -16.65 -6.46 24.97
CA VAL A 62 -16.80 -7.07 23.69
C VAL A 62 -16.97 -5.95 22.68
N PHE A 63 -17.73 -4.92 23.06
CA PHE A 63 -17.96 -3.79 22.17
C PHE A 63 -16.59 -3.29 21.77
N ASP A 64 -15.78 -3.05 22.77
CA ASP A 64 -14.43 -2.58 22.59
C ASP A 64 -13.56 -3.54 21.78
N ALA A 65 -13.58 -4.84 22.11
CA ALA A 65 -12.76 -5.82 21.41
C ALA A 65 -12.98 -5.77 19.90
N ILE A 66 -14.17 -5.33 19.52
CA ILE A 66 -14.50 -5.27 18.13
C ILE A 66 -14.11 -3.96 17.50
N VAL A 67 -14.59 -2.85 18.03
CA VAL A 67 -14.22 -1.56 17.46
C VAL A 67 -12.70 -1.45 17.38
N THR A 68 -12.06 -1.95 18.44
CA THR A 68 -10.61 -1.91 18.65
C THR A 68 -9.80 -2.92 17.89
N LEU A 69 -10.47 -3.79 17.16
CA LEU A 69 -9.79 -4.80 16.36
C LEU A 69 -9.01 -5.86 17.13
N LYS A 70 -9.27 -5.99 18.44
CA LYS A 70 -8.59 -7.03 19.21
C LYS A 70 -9.01 -8.36 18.58
N VAL A 71 -10.21 -8.36 18.00
CA VAL A 71 -10.78 -9.49 17.29
C VAL A 71 -11.39 -8.95 15.99
N ARG A 72 -10.97 -9.52 14.86
CA ARG A 72 -11.50 -9.10 13.56
C ARG A 72 -11.65 -10.26 12.58
N GLY A 73 -12.45 -10.07 11.54
CA GLY A 73 -12.68 -11.12 10.56
C GLY A 73 -14.16 -11.35 10.64
N ALA A 74 -14.89 -10.87 9.63
CA ALA A 74 -16.34 -10.98 9.55
C ALA A 74 -16.91 -12.12 10.38
N PRO A 75 -16.51 -13.38 10.10
CA PRO A 75 -17.03 -14.51 10.87
C PRO A 75 -16.58 -14.50 12.32
N ALA A 76 -15.29 -14.51 12.60
CA ALA A 76 -14.87 -14.49 14.00
C ALA A 76 -15.63 -13.38 14.73
N ILE A 77 -15.81 -12.24 14.06
CA ILE A 77 -16.53 -11.09 14.61
C ILE A 77 -18.00 -11.43 14.87
N GLY A 78 -18.61 -12.16 13.95
CA GLY A 78 -19.99 -12.53 14.14
C GLY A 78 -20.07 -13.45 15.35
N ILE A 79 -19.16 -14.42 15.41
CA ILE A 79 -19.10 -15.39 16.51
C ILE A 79 -19.00 -14.79 17.91
N THR A 80 -18.09 -13.84 18.10
CA THR A 80 -17.93 -13.20 19.40
C THR A 80 -19.14 -12.29 19.68
N ALA A 81 -19.73 -11.75 18.62
CA ALA A 81 -20.89 -10.90 18.81
C ALA A 81 -21.96 -11.73 19.50
N ALA A 82 -22.10 -12.95 19.01
CA ALA A 82 -23.08 -13.88 19.53
C ALA A 82 -22.78 -14.28 20.97
N PHE A 83 -21.57 -14.73 21.26
CA PHE A 83 -21.23 -15.11 22.63
C PHE A 83 -21.37 -13.89 23.53
N GLY A 84 -21.36 -12.72 22.91
CA GLY A 84 -21.51 -11.48 23.66
C GLY A 84 -22.91 -11.33 24.23
N LEU A 85 -23.91 -11.49 23.37
CA LEU A 85 -25.29 -11.38 23.80
C LEU A 85 -25.52 -12.58 24.71
N ALA A 86 -25.01 -13.73 24.30
CA ALA A 86 -25.16 -14.96 25.06
C ALA A 86 -24.65 -14.84 26.50
N LEU A 87 -23.71 -13.93 26.72
CA LEU A 87 -23.13 -13.74 28.04
C LEU A 87 -23.84 -12.60 28.80
N ALA A 88 -23.93 -11.43 28.20
CA ALA A 88 -24.57 -10.29 28.85
C ALA A 88 -26.00 -10.61 29.25
N ALA A 89 -26.52 -11.72 28.73
CA ALA A 89 -27.88 -12.13 29.01
C ALA A 89 -28.08 -12.82 30.37
N LYS A 90 -27.12 -13.65 30.79
CA LYS A 90 -27.27 -14.31 32.06
C LYS A 90 -27.31 -13.20 33.09
N ASP A 91 -26.55 -12.15 32.80
CA ASP A 91 -26.51 -11.01 33.67
C ASP A 91 -27.89 -10.34 33.70
N ILE A 92 -28.80 -10.68 32.79
CA ILE A 92 -30.11 -10.03 32.84
C ILE A 92 -31.08 -10.57 33.86
N GLU A 93 -31.47 -9.67 34.74
CA GLU A 93 -32.36 -9.98 35.82
C GLU A 93 -33.84 -9.70 35.61
N THR A 94 -34.62 -10.75 35.86
CA THR A 94 -36.08 -10.73 35.81
C THR A 94 -36.69 -12.00 35.27
N ASP A 95 -38.02 -12.02 35.34
CA ASP A 95 -38.79 -13.17 34.93
C ASP A 95 -39.79 -12.90 33.81
N ASN A 96 -39.92 -11.64 33.42
CA ASN A 96 -40.83 -11.34 32.34
C ASN A 96 -40.10 -11.60 31.03
N VAL A 97 -40.53 -12.62 30.31
CA VAL A 97 -39.93 -12.97 29.03
C VAL A 97 -40.05 -11.79 28.07
N THR A 98 -41.19 -11.09 28.11
CA THR A 98 -41.41 -9.95 27.22
C THR A 98 -40.44 -8.81 27.53
N GLU A 99 -40.16 -8.61 28.82
CA GLU A 99 -39.22 -7.56 29.21
C GLU A 99 -37.81 -7.99 28.92
N PHE A 100 -37.49 -9.23 29.28
CA PHE A 100 -36.18 -9.81 29.01
C PHE A 100 -35.80 -9.48 27.56
N ARG A 101 -36.73 -9.74 26.65
CA ARG A 101 -36.50 -9.51 25.23
C ARG A 101 -36.40 -8.04 24.82
N ARG A 102 -36.80 -7.13 25.70
CA ARG A 102 -36.75 -5.69 25.43
C ARG A 102 -35.32 -5.23 25.68
N ARG A 103 -34.78 -5.66 26.82
CA ARG A 103 -33.43 -5.35 27.20
C ARG A 103 -32.50 -6.04 26.21
N LEU A 104 -32.69 -7.34 26.04
CA LEU A 104 -31.87 -8.15 25.13
C LEU A 104 -31.64 -7.43 23.82
N GLU A 105 -32.68 -6.75 23.35
CA GLU A 105 -32.64 -6.02 22.10
C GLU A 105 -31.75 -4.77 22.16
N ASP A 106 -31.71 -4.12 23.31
CA ASP A 106 -30.90 -2.92 23.49
C ASP A 106 -29.44 -3.28 23.39
N ILE A 107 -29.09 -4.42 23.97
CA ILE A 107 -27.73 -4.93 23.94
C ILE A 107 -27.33 -5.27 22.50
N LYS A 108 -28.22 -5.99 21.81
CA LYS A 108 -28.01 -6.38 20.42
C LYS A 108 -27.79 -5.18 19.49
N GLN A 109 -28.55 -4.13 19.70
CA GLN A 109 -28.41 -2.92 18.90
C GLN A 109 -27.07 -2.24 19.26
N TYR A 110 -26.60 -2.47 20.49
CA TYR A 110 -25.32 -1.94 21.00
C TYR A 110 -24.14 -2.69 20.39
N LEU A 111 -24.12 -4.01 20.52
CA LEU A 111 -23.02 -4.75 19.94
C LEU A 111 -23.01 -4.57 18.41
N ASN A 112 -24.19 -4.44 17.83
CA ASN A 112 -24.31 -4.27 16.40
C ASN A 112 -23.79 -2.92 15.91
N SER A 113 -23.90 -1.89 16.77
CA SER A 113 -23.47 -0.54 16.41
C SER A 113 -21.95 -0.44 16.40
N SER A 114 -21.32 -1.51 16.87
CA SER A 114 -19.87 -1.64 16.96
C SER A 114 -19.20 -1.35 15.65
N ARG A 115 -19.38 -2.27 14.71
CA ARG A 115 -18.82 -2.12 13.40
C ARG A 115 -19.85 -2.55 12.35
N PRO A 116 -20.02 -1.73 11.29
CA PRO A 116 -20.97 -2.02 10.22
C PRO A 116 -20.56 -2.93 9.10
N THR A 117 -20.01 -2.34 8.05
CA THR A 117 -19.65 -3.08 6.84
C THR A 117 -19.80 -4.59 6.74
N ALA A 118 -19.45 -5.41 7.74
CA ALA A 118 -19.70 -6.86 7.57
C ALA A 118 -21.05 -7.27 8.20
N ILE A 119 -21.79 -8.17 7.55
CA ILE A 119 -23.10 -8.66 8.06
C ILE A 119 -22.96 -9.70 9.15
N ASN A 120 -21.94 -10.56 9.03
CA ASN A 120 -21.70 -11.61 10.00
C ASN A 120 -21.98 -11.16 11.41
N LEU A 121 -21.85 -9.85 11.64
CA LEU A 121 -22.13 -9.29 12.95
C LEU A 121 -23.61 -9.32 13.24
N SER A 122 -24.40 -8.52 12.52
CA SER A 122 -25.84 -8.50 12.75
C SER A 122 -26.50 -9.83 12.34
N TRP A 123 -25.87 -10.60 11.48
CA TRP A 123 -26.46 -11.88 11.06
C TRP A 123 -26.52 -12.86 12.22
N ALA A 124 -25.45 -12.90 13.00
CA ALA A 124 -25.36 -13.80 14.15
C ALA A 124 -26.24 -13.25 15.25
N LEU A 125 -26.39 -11.94 15.28
CA LEU A 125 -27.23 -11.32 16.28
C LEU A 125 -28.69 -11.68 16.02
N GLU A 126 -29.09 -11.60 14.75
CA GLU A 126 -30.46 -11.96 14.39
C GLU A 126 -30.68 -13.42 14.77
N ARG A 127 -29.80 -14.29 14.30
CA ARG A 127 -29.92 -15.69 14.62
C ARG A 127 -30.34 -15.88 16.08
N LEU A 128 -29.67 -15.18 17.00
CA LEU A 128 -29.98 -15.31 18.42
C LEU A 128 -31.31 -14.71 18.85
N SER A 129 -31.60 -13.47 18.46
CA SER A 129 -32.84 -12.84 18.88
C SER A 129 -34.08 -13.50 18.28
N HIS A 130 -33.86 -14.51 17.44
CA HIS A 130 -34.96 -15.24 16.83
C HIS A 130 -35.02 -16.60 17.51
N SER A 131 -33.88 -17.05 18.02
CA SER A 131 -33.80 -18.32 18.69
C SER A 131 -34.63 -18.25 19.98
N VAL A 132 -35.23 -17.10 20.25
CA VAL A 132 -36.02 -16.96 21.46
C VAL A 132 -37.35 -16.25 21.25
N GLU A 133 -37.83 -16.28 20.01
CA GLU A 133 -39.10 -15.67 19.63
C GLU A 133 -40.29 -16.48 20.12
N ASN A 134 -40.00 -17.66 20.64
CA ASN A 134 -41.04 -18.55 21.16
C ASN A 134 -40.52 -19.30 22.38
N ALA A 135 -39.81 -18.61 23.26
CA ALA A 135 -39.30 -19.23 24.47
C ALA A 135 -40.44 -19.08 25.47
N ILE A 136 -40.67 -20.08 26.29
CA ILE A 136 -41.76 -19.96 27.26
C ILE A 136 -41.29 -19.12 28.45
N SER A 137 -40.13 -19.49 28.99
CA SER A 137 -39.55 -18.80 30.13
C SER A 137 -38.36 -17.94 29.70
N VAL A 138 -37.52 -17.67 30.68
CA VAL A 138 -36.33 -16.87 30.49
C VAL A 138 -35.13 -17.79 30.59
N ASN A 139 -35.04 -18.48 31.70
CA ASN A 139 -33.95 -19.41 31.96
C ASN A 139 -33.66 -20.29 30.77
N GLU A 140 -34.68 -20.61 29.98
CA GLU A 140 -34.45 -21.45 28.81
C GLU A 140 -33.85 -20.53 27.75
N ALA A 141 -34.55 -19.43 27.49
CA ALA A 141 -34.13 -18.45 26.50
C ALA A 141 -32.67 -18.04 26.71
N LYS A 142 -32.16 -18.18 27.93
CA LYS A 142 -30.78 -17.84 28.23
C LYS A 142 -29.83 -18.98 27.87
N THR A 143 -30.35 -20.20 27.99
CA THR A 143 -29.58 -21.38 27.68
C THR A 143 -29.77 -21.66 26.20
N ASN A 144 -30.76 -20.97 25.64
CA ASN A 144 -31.09 -21.07 24.22
C ASN A 144 -30.03 -20.32 23.43
N LEU A 145 -29.92 -19.04 23.75
CA LEU A 145 -28.96 -18.13 23.11
C LEU A 145 -27.56 -18.75 23.06
N VAL A 146 -27.14 -19.32 24.18
CA VAL A 146 -25.82 -19.94 24.27
C VAL A 146 -25.66 -21.09 23.28
N HIS A 147 -26.58 -22.05 23.29
CA HIS A 147 -26.46 -23.16 22.36
C HIS A 147 -26.38 -22.67 20.93
N GLU A 148 -27.14 -21.62 20.63
CA GLU A 148 -27.15 -21.03 19.31
C GLU A 148 -25.75 -20.52 18.99
N ALA A 149 -25.21 -19.71 19.89
CA ALA A 149 -23.87 -19.14 19.72
C ALA A 149 -22.81 -20.22 19.60
N ILE A 150 -22.88 -21.19 20.49
CA ILE A 150 -21.92 -22.26 20.48
C ILE A 150 -22.11 -23.05 19.21
N GLN A 151 -23.31 -23.01 18.67
CA GLN A 151 -23.62 -23.74 17.45
C GLN A 151 -23.18 -22.98 16.21
N ILE A 152 -23.27 -21.66 16.25
CA ILE A 152 -22.87 -20.83 15.14
C ILE A 152 -21.37 -21.07 14.86
N GLN A 153 -20.60 -21.19 15.94
CA GLN A 153 -19.15 -21.41 15.88
C GLN A 153 -18.75 -22.81 15.39
N VAL A 154 -19.59 -23.80 15.68
CA VAL A 154 -19.31 -25.17 15.28
C VAL A 154 -19.42 -25.34 13.79
N GLU A 155 -20.46 -24.75 13.21
CA GLU A 155 -20.67 -24.86 11.78
C GLU A 155 -19.79 -23.88 11.03
N ASP A 156 -18.95 -23.14 11.76
CA ASP A 156 -18.07 -22.24 11.06
C ASP A 156 -16.87 -23.09 10.64
N GLU A 157 -16.47 -24.03 11.50
CA GLU A 157 -15.37 -24.90 11.16
C GLU A 157 -15.78 -25.67 9.90
N GLU A 158 -17.04 -26.13 9.89
CA GLU A 158 -17.57 -26.88 8.76
C GLU A 158 -17.64 -26.11 7.44
N THR A 159 -18.09 -24.86 7.47
CA THR A 159 -18.17 -24.09 6.21
C THR A 159 -16.78 -23.79 5.72
N CYS A 160 -15.87 -23.47 6.64
CA CYS A 160 -14.50 -23.17 6.26
C CYS A 160 -13.83 -24.39 5.63
N ARG A 161 -13.87 -25.55 6.30
CA ARG A 161 -13.27 -26.76 5.74
C ARG A 161 -13.80 -26.97 4.32
N LEU A 162 -15.06 -26.64 4.12
CA LEU A 162 -15.66 -26.79 2.82
C LEU A 162 -15.08 -25.79 1.83
N ILE A 163 -15.03 -24.52 2.20
CA ILE A 163 -14.51 -23.52 1.30
C ILE A 163 -13.08 -23.83 0.92
N GLY A 164 -12.34 -24.38 1.89
CA GLY A 164 -10.98 -24.76 1.63
C GLY A 164 -10.99 -25.80 0.52
N GLN A 165 -11.85 -26.80 0.67
CA GLN A 165 -11.94 -27.86 -0.33
C GLN A 165 -12.61 -27.53 -1.64
N ASN A 166 -13.57 -26.62 -1.64
CA ASN A 166 -14.21 -26.25 -2.90
C ASN A 166 -13.28 -25.35 -3.73
N ALA A 167 -12.58 -24.45 -3.06
CA ALA A 167 -11.70 -23.53 -3.78
C ALA A 167 -10.45 -24.16 -4.38
N LEU A 168 -9.86 -25.10 -3.66
CA LEU A 168 -8.64 -25.77 -4.12
C LEU A 168 -8.76 -26.34 -5.54
N GLN A 169 -9.99 -26.65 -5.96
CA GLN A 169 -10.23 -27.17 -7.30
C GLN A 169 -9.72 -26.19 -8.35
N LEU A 170 -9.71 -24.90 -7.99
CA LEU A 170 -9.28 -23.82 -8.88
C LEU A 170 -7.80 -23.70 -9.24
N PHE A 171 -6.90 -24.10 -8.34
CA PHE A 171 -5.46 -24.00 -8.61
C PHE A 171 -4.84 -25.34 -8.79
N LYS A 172 -3.62 -25.37 -9.28
CA LYS A 172 -2.93 -26.63 -9.49
C LYS A 172 -1.52 -26.61 -8.90
N LYS A 173 -0.80 -27.70 -9.00
CA LYS A 173 0.55 -27.74 -8.45
C LYS A 173 1.40 -26.70 -9.15
N GLY A 174 2.16 -25.94 -8.37
CA GLY A 174 3.03 -24.93 -8.93
C GLY A 174 2.65 -23.45 -8.99
N ASP A 175 1.37 -23.15 -9.21
CA ASP A 175 0.96 -21.75 -9.32
C ASP A 175 1.05 -20.86 -8.08
N ARG A 176 1.41 -19.61 -8.31
CA ARG A 176 1.59 -18.62 -7.27
C ARG A 176 0.36 -17.73 -7.18
N ILE A 177 -0.28 -17.78 -6.01
CA ILE A 177 -1.51 -17.04 -5.78
C ILE A 177 -1.42 -15.91 -4.77
N MET A 178 -2.06 -14.78 -5.10
CA MET A 178 -2.05 -13.60 -4.26
C MET A 178 -3.33 -13.46 -3.42
N THR A 179 -3.19 -12.75 -2.29
CA THR A 179 -4.29 -12.49 -1.36
C THR A 179 -4.11 -11.18 -0.60
N ILE A 180 -5.15 -10.77 0.12
CA ILE A 180 -5.08 -9.56 0.90
C ILE A 180 -5.73 -9.76 2.27
N CYS A 181 -5.51 -8.81 3.18
CA CYS A 181 -6.06 -8.86 4.52
C CYS A 181 -5.70 -10.20 5.07
N ASN A 182 -6.43 -10.62 6.09
CA ASN A 182 -6.20 -11.89 6.77
C ASN A 182 -7.48 -12.70 6.96
N ALA A 183 -7.90 -13.42 5.92
CA ALA A 183 -9.10 -14.26 6.01
C ALA A 183 -8.68 -15.70 6.38
N GLY A 184 -7.99 -15.83 7.51
CA GLY A 184 -7.52 -17.14 7.92
C GLY A 184 -8.11 -17.67 9.21
N SER A 185 -7.47 -18.71 9.74
CA SER A 185 -7.89 -19.37 10.97
C SER A 185 -8.46 -18.46 12.07
N ILE A 186 -7.73 -17.41 12.45
CA ILE A 186 -8.23 -16.53 13.50
C ILE A 186 -9.29 -15.48 13.08
N ALA A 187 -9.59 -15.41 11.79
CA ALA A 187 -10.58 -14.48 11.25
C ALA A 187 -11.90 -15.21 11.30
N THR A 188 -11.78 -16.53 11.41
CA THR A 188 -12.94 -17.38 11.47
C THR A 188 -12.87 -18.21 12.72
N SER A 189 -12.79 -19.52 12.54
CA SER A 189 -12.77 -20.46 13.64
C SER A 189 -11.62 -21.41 13.42
N ARG A 190 -11.46 -21.83 12.16
CA ARG A 190 -10.41 -22.74 11.76
C ARG A 190 -10.35 -22.79 10.24
N TYR A 191 -9.15 -23.04 9.73
CA TYR A 191 -8.88 -23.14 8.29
C TYR A 191 -9.06 -21.80 7.61
N GLY A 192 -10.20 -21.16 7.86
CA GLY A 192 -10.51 -19.86 7.27
C GLY A 192 -11.23 -19.96 5.92
N THR A 193 -11.34 -18.85 5.20
CA THR A 193 -12.01 -18.87 3.92
C THR A 193 -11.01 -18.84 2.77
N ALA A 194 -10.37 -17.69 2.52
CA ALA A 194 -9.42 -17.60 1.42
C ALA A 194 -8.06 -18.27 1.65
N LEU A 195 -7.74 -18.57 2.91
CA LEU A 195 -6.48 -19.22 3.25
C LEU A 195 -6.69 -20.74 3.38
N ALA A 196 -7.94 -21.12 3.62
CA ALA A 196 -8.31 -22.52 3.77
C ALA A 196 -7.70 -23.47 2.73
N PRO A 197 -7.76 -23.11 1.45
CA PRO A 197 -7.19 -23.99 0.41
C PRO A 197 -5.67 -24.13 0.58
N PHE A 198 -5.02 -23.07 1.02
CA PHE A 198 -3.58 -23.15 1.16
C PHE A 198 -3.29 -24.26 2.12
N TYR A 199 -3.88 -24.17 3.31
CA TYR A 199 -3.69 -25.19 4.33
C TYR A 199 -3.92 -26.60 3.76
N LEU A 200 -4.96 -26.76 2.94
CA LEU A 200 -5.24 -28.05 2.34
C LEU A 200 -4.20 -28.39 1.25
N ALA A 201 -3.93 -27.46 0.34
CA ALA A 201 -2.95 -27.70 -0.71
C ALA A 201 -1.63 -28.17 -0.13
N LYS A 202 -1.42 -27.84 1.14
CA LYS A 202 -0.21 -28.21 1.85
C LYS A 202 -0.02 -29.72 1.90
N GLN A 203 -0.97 -30.44 2.49
CA GLN A 203 -0.87 -31.89 2.58
C GLN A 203 -0.66 -32.46 1.20
N LYS A 204 -1.56 -32.11 0.29
CA LYS A 204 -1.51 -32.55 -1.10
C LYS A 204 -0.12 -32.31 -1.65
N ASP A 205 0.66 -31.51 -0.91
CA ASP A 205 2.01 -31.14 -1.31
C ASP A 205 2.00 -30.34 -2.60
N LEU A 206 0.93 -29.59 -2.83
CA LEU A 206 0.83 -28.73 -4.01
C LEU A 206 1.84 -27.64 -3.69
N GLY A 207 2.91 -27.55 -4.46
CA GLY A 207 3.93 -26.54 -4.18
C GLY A 207 3.43 -25.12 -4.31
N LEU A 208 2.23 -24.88 -3.82
CA LEU A 208 1.59 -23.57 -3.90
C LEU A 208 2.48 -22.51 -3.28
N HIS A 209 2.73 -21.43 -4.03
CA HIS A 209 3.55 -20.32 -3.52
C HIS A 209 2.64 -19.12 -3.30
N ILE A 210 2.45 -18.70 -2.06
CA ILE A 210 1.56 -17.58 -1.84
C ILE A 210 2.27 -16.25 -1.72
N TYR A 211 1.57 -15.20 -2.15
CA TYR A 211 2.02 -13.82 -2.06
C TYR A 211 0.93 -13.08 -1.31
N ALA A 212 1.24 -12.73 -0.07
CA ALA A 212 0.33 -12.03 0.80
C ALA A 212 0.76 -10.58 0.84
N CYS A 213 -0.20 -9.66 0.81
CA CYS A 213 0.10 -8.22 0.89
C CYS A 213 -0.10 -7.76 2.35
N GLU A 214 0.77 -6.86 2.80
CA GLU A 214 0.65 -6.29 4.13
C GLU A 214 -0.54 -5.35 3.99
N THR A 215 -1.72 -5.76 4.39
CA THR A 215 -2.87 -4.88 4.21
C THR A 215 -2.87 -3.65 5.12
N ARG A 216 -2.34 -2.52 4.64
CA ARG A 216 -2.31 -1.26 5.44
C ARG A 216 -3.71 -0.67 5.49
N PRO A 217 -3.98 0.18 6.49
CA PRO A 217 -3.08 0.49 7.62
C PRO A 217 -2.88 -0.53 8.73
N VAL A 218 -3.92 -1.30 9.04
CA VAL A 218 -3.87 -2.26 10.14
C VAL A 218 -2.95 -3.46 9.97
N LEU A 219 -2.27 -3.52 8.83
CA LEU A 219 -1.34 -4.60 8.53
C LEU A 219 -1.82 -5.99 8.92
N GLN A 220 -3.09 -6.25 8.64
CA GLN A 220 -3.70 -7.53 8.97
C GLN A 220 -3.03 -8.63 8.15
N GLY A 221 -2.30 -8.21 7.12
CA GLY A 221 -1.63 -9.18 6.26
C GLY A 221 -0.22 -9.58 6.65
N SER A 222 0.58 -8.62 7.12
CA SER A 222 1.94 -8.93 7.49
C SER A 222 1.96 -9.38 8.93
N ARG A 223 1.02 -8.85 9.72
CA ARG A 223 0.97 -9.22 11.12
C ARG A 223 0.19 -10.50 11.34
N LEU A 224 -0.79 -10.80 10.50
CA LEU A 224 -1.59 -12.02 10.70
C LEU A 224 -1.39 -13.04 9.63
N THR A 225 -1.64 -12.67 8.38
CA THR A 225 -1.48 -13.63 7.31
C THR A 225 -0.06 -14.19 7.11
N ALA A 226 0.98 -13.42 7.41
CA ALA A 226 2.33 -13.93 7.25
C ALA A 226 2.66 -14.83 8.44
N TRP A 227 2.31 -14.37 9.63
CA TRP A 227 2.55 -15.12 10.87
C TRP A 227 1.89 -16.51 10.81
N GLU A 228 0.59 -16.52 10.59
CA GLU A 228 -0.21 -17.73 10.48
C GLU A 228 0.36 -18.71 9.43
N LEU A 229 0.35 -18.32 8.16
CA LEU A 229 0.84 -19.21 7.09
C LEU A 229 2.23 -19.74 7.32
N MET A 230 3.06 -18.96 7.99
CA MET A 230 4.42 -19.40 8.26
C MET A 230 4.38 -20.35 9.41
N GLN A 231 3.53 -20.03 10.37
CA GLN A 231 3.36 -20.87 11.54
C GLN A 231 2.83 -22.24 11.13
N GLY A 232 2.49 -22.40 9.85
CA GLY A 232 1.96 -23.66 9.38
C GLY A 232 2.77 -24.26 8.26
N GLY A 233 3.88 -23.63 7.92
CA GLY A 233 4.75 -24.15 6.87
C GLY A 233 4.30 -23.94 5.44
N ILE A 234 3.50 -22.90 5.21
CA ILE A 234 3.04 -22.56 3.87
C ILE A 234 4.08 -21.65 3.22
N ASP A 235 4.23 -21.72 1.91
CA ASP A 235 5.20 -20.87 1.23
C ASP A 235 4.66 -19.46 1.01
N VAL A 236 4.88 -18.57 1.98
CA VAL A 236 4.43 -17.19 1.87
C VAL A 236 5.57 -16.26 1.54
N THR A 237 5.21 -15.11 1.00
CA THR A 237 6.17 -14.07 0.67
C THR A 237 5.37 -12.80 0.86
N LEU A 238 5.89 -11.94 1.73
CA LEU A 238 5.25 -10.67 2.09
C LEU A 238 5.62 -9.51 1.18
N ILE A 239 4.61 -8.78 0.71
CA ILE A 239 4.83 -7.61 -0.15
C ILE A 239 3.92 -6.47 0.26
N THR A 240 4.39 -5.24 0.01
CA THR A 240 3.62 -4.05 0.33
C THR A 240 2.43 -4.09 -0.59
N ASP A 241 1.40 -3.33 -0.25
CA ASP A 241 0.20 -3.31 -1.07
C ASP A 241 0.49 -2.80 -2.47
N SER A 242 1.37 -1.80 -2.55
CA SER A 242 1.73 -1.20 -3.83
C SER A 242 2.23 -2.22 -4.86
N MET A 243 3.27 -2.97 -4.49
CA MET A 243 3.91 -3.97 -5.34
C MET A 243 2.99 -4.91 -6.09
N ALA A 244 1.71 -4.88 -5.72
CA ALA A 244 0.69 -5.72 -6.31
C ALA A 244 0.85 -5.95 -7.81
N ALA A 245 0.89 -4.86 -8.57
CA ALA A 245 1.02 -4.98 -10.00
C ALA A 245 2.41 -5.44 -10.44
N HIS A 246 3.47 -4.90 -9.85
CA HIS A 246 4.80 -5.31 -10.28
C HIS A 246 5.02 -6.81 -10.05
N THR A 247 4.45 -7.32 -8.95
CA THR A 247 4.57 -8.74 -8.62
C THR A 247 3.73 -9.55 -9.61
N MET A 248 2.58 -9.04 -10.00
CA MET A 248 1.79 -9.76 -10.98
C MET A 248 2.58 -9.96 -12.28
N LYS A 249 3.31 -8.94 -12.71
CA LYS A 249 4.06 -9.06 -13.96
C LYS A 249 5.34 -9.91 -13.84
N GLU A 250 6.23 -9.58 -12.90
CA GLU A 250 7.49 -10.30 -12.79
C GLU A 250 7.49 -11.61 -11.98
N LYS A 251 6.34 -12.02 -11.46
CA LYS A 251 6.30 -13.26 -10.70
C LYS A 251 5.22 -14.14 -11.29
N GLN A 252 4.67 -13.73 -12.43
CA GLN A 252 3.60 -14.47 -13.08
C GLN A 252 2.59 -15.00 -12.09
N ILE A 253 1.81 -14.11 -11.49
CA ILE A 253 0.78 -14.51 -10.55
C ILE A 253 -0.23 -15.35 -11.31
N SER A 254 -0.72 -16.40 -10.70
CA SER A 254 -1.67 -17.25 -11.39
C SER A 254 -3.14 -16.93 -11.12
N ALA A 255 -3.44 -16.45 -9.93
CA ALA A 255 -4.80 -16.10 -9.56
C ALA A 255 -4.84 -15.34 -8.24
N VAL A 256 -6.01 -14.78 -7.93
CA VAL A 256 -6.15 -14.00 -6.72
C VAL A 256 -7.38 -14.44 -5.94
N ILE A 257 -7.21 -14.65 -4.64
CA ILE A 257 -8.33 -15.06 -3.82
C ILE A 257 -8.36 -14.18 -2.60
N VAL A 258 -9.56 -13.79 -2.19
CA VAL A 258 -9.73 -12.96 -1.01
C VAL A 258 -11.03 -13.35 -0.33
N GLY A 259 -11.17 -12.94 0.94
CA GLY A 259 -12.39 -13.21 1.68
C GLY A 259 -13.40 -12.12 1.38
N ALA A 260 -14.36 -11.94 2.27
CA ALA A 260 -15.41 -10.93 2.12
C ALA A 260 -15.95 -10.51 3.47
N ASP A 261 -16.73 -9.44 3.46
CA ASP A 261 -17.34 -8.87 4.64
C ASP A 261 -18.82 -8.68 4.40
N ARG A 262 -19.19 -8.62 3.13
CA ARG A 262 -20.58 -8.47 2.70
C ARG A 262 -20.71 -8.64 1.19
N ILE A 263 -21.60 -9.53 0.77
CA ILE A 263 -21.84 -9.79 -0.63
C ILE A 263 -23.32 -9.54 -0.93
N ALA A 264 -23.58 -8.67 -1.90
CA ALA A 264 -24.94 -8.29 -2.31
C ALA A 264 -25.58 -9.22 -3.34
N LYS A 265 -26.92 -9.25 -3.37
CA LYS A 265 -27.65 -10.08 -4.33
C LYS A 265 -27.02 -9.95 -5.69
N ASN A 266 -26.70 -8.70 -6.01
CA ASN A 266 -26.08 -8.36 -7.28
C ASN A 266 -24.90 -9.27 -7.58
N GLY A 267 -23.97 -9.32 -6.63
CA GLY A 267 -22.79 -10.12 -6.80
C GLY A 267 -21.61 -9.26 -6.38
N ASP A 268 -21.82 -7.95 -6.32
CA ASP A 268 -20.75 -7.06 -5.91
C ASP A 268 -20.34 -7.50 -4.51
N THR A 269 -19.03 -7.49 -4.26
CA THR A 269 -18.51 -7.91 -2.96
C THR A 269 -17.75 -6.80 -2.21
N ALA A 270 -17.92 -6.76 -0.89
CA ALA A 270 -17.26 -5.80 -0.02
C ALA A 270 -16.13 -6.51 0.74
N ASN A 271 -14.93 -5.98 0.59
CA ASN A 271 -13.80 -6.60 1.26
C ASN A 271 -12.85 -5.53 1.72
N LYS A 272 -11.80 -5.96 2.42
CA LYS A 272 -10.78 -5.09 2.97
C LYS A 272 -10.36 -4.01 1.98
N ILE A 273 -10.12 -2.79 2.47
CA ILE A 273 -9.69 -1.72 1.60
C ILE A 273 -8.48 -2.20 0.81
N GLY A 274 -8.61 -2.20 -0.50
CA GLY A 274 -7.52 -2.64 -1.34
C GLY A 274 -7.99 -3.74 -2.25
N THR A 275 -8.93 -4.54 -1.79
CA THR A 275 -9.42 -5.64 -2.59
C THR A 275 -9.87 -5.23 -4.00
N TYR A 276 -10.60 -4.12 -4.10
CA TYR A 276 -11.11 -3.63 -5.38
C TYR A 276 -9.98 -3.32 -6.35
N GLY A 277 -8.94 -2.70 -5.84
CA GLY A 277 -7.80 -2.36 -6.67
C GLY A 277 -7.17 -3.58 -7.28
N LEU A 278 -7.03 -4.64 -6.49
CA LEU A 278 -6.44 -5.89 -6.98
C LEU A 278 -7.32 -6.52 -8.07
N ALA A 279 -8.64 -6.37 -7.95
CA ALA A 279 -9.56 -6.97 -8.93
C ALA A 279 -9.45 -6.31 -10.29
N ILE A 280 -9.48 -4.99 -10.29
CA ILE A 280 -9.39 -4.21 -11.53
C ILE A 280 -7.96 -4.38 -12.07
N LEU A 281 -7.00 -4.43 -11.14
CA LEU A 281 -5.61 -4.60 -11.48
C LEU A 281 -5.38 -6.03 -11.99
N ALA A 282 -6.07 -6.99 -11.40
CA ALA A 282 -5.92 -8.39 -11.79
C ALA A 282 -6.51 -8.58 -13.19
N ASN A 283 -7.70 -8.03 -13.39
CA ASN A 283 -8.40 -8.11 -14.67
C ASN A 283 -7.53 -7.62 -15.83
N ALA A 284 -6.66 -6.66 -15.53
CA ALA A 284 -5.77 -6.13 -16.54
C ALA A 284 -4.78 -7.21 -16.98
N PHE A 285 -4.35 -8.04 -16.03
CA PHE A 285 -3.41 -9.10 -16.31
C PHE A 285 -4.16 -10.36 -16.63
N ASP A 286 -5.44 -10.20 -16.94
CA ASP A 286 -6.31 -11.34 -17.24
C ASP A 286 -5.97 -12.49 -16.30
N ILE A 287 -5.94 -12.17 -15.00
CA ILE A 287 -5.68 -13.14 -13.95
C ILE A 287 -6.93 -13.30 -13.04
N PRO A 288 -7.37 -14.54 -12.83
CA PRO A 288 -8.51 -14.99 -12.04
C PRO A 288 -8.63 -14.34 -10.68
N PHE A 289 -9.81 -13.77 -10.43
CA PHE A 289 -10.08 -13.14 -9.16
C PHE A 289 -11.16 -13.89 -8.43
N PHE A 290 -10.81 -14.54 -7.31
CA PHE A 290 -11.78 -15.28 -6.52
C PHE A 290 -12.05 -14.64 -5.17
N VAL A 291 -13.30 -14.75 -4.75
CA VAL A 291 -13.82 -14.23 -3.51
C VAL A 291 -14.32 -15.44 -2.73
N ALA A 292 -13.59 -15.87 -1.71
CA ALA A 292 -14.02 -17.01 -0.91
C ALA A 292 -14.79 -16.46 0.26
N ALA A 293 -16.04 -16.88 0.43
CA ALA A 293 -16.80 -16.37 1.56
C ALA A 293 -17.94 -17.29 1.84
N PRO A 294 -18.30 -17.41 3.13
CA PRO A 294 -19.37 -18.24 3.65
C PRO A 294 -20.70 -17.67 3.25
N LEU A 295 -21.74 -18.49 3.40
CA LEU A 295 -23.09 -18.10 3.06
C LEU A 295 -23.55 -16.99 3.97
N SER A 296 -23.07 -17.00 5.20
CA SER A 296 -23.42 -15.97 6.20
C SER A 296 -22.91 -14.57 5.84
N THR A 297 -22.08 -14.48 4.81
CA THR A 297 -21.52 -13.19 4.43
C THR A 297 -22.31 -12.51 3.33
N PHE A 298 -23.43 -13.13 2.95
CA PHE A 298 -24.27 -12.57 1.90
C PHE A 298 -25.42 -11.77 2.51
N ASP A 299 -25.81 -10.68 1.84
CA ASP A 299 -26.92 -9.86 2.29
C ASP A 299 -27.92 -9.81 1.16
N THR A 300 -28.94 -10.66 1.25
CA THR A 300 -29.96 -10.71 0.21
C THR A 300 -30.79 -9.43 0.12
N LYS A 301 -30.98 -8.74 1.23
CA LYS A 301 -31.77 -7.50 1.22
C LYS A 301 -31.21 -6.39 0.35
N VAL A 302 -29.88 -6.36 0.17
CA VAL A 302 -29.24 -5.30 -0.60
C VAL A 302 -29.04 -5.54 -2.08
N LYS A 303 -29.48 -4.58 -2.87
CA LYS A 303 -29.43 -4.63 -4.32
C LYS A 303 -28.04 -4.82 -4.90
N CYS A 304 -27.20 -3.80 -4.76
CA CYS A 304 -25.84 -3.83 -5.30
C CYS A 304 -24.81 -3.49 -4.22
N GLY A 305 -23.54 -3.43 -4.61
CA GLY A 305 -22.51 -3.10 -3.65
C GLY A 305 -22.51 -1.64 -3.26
N ALA A 306 -22.63 -0.75 -4.24
CA ALA A 306 -22.63 0.68 -3.99
C ALA A 306 -23.54 1.09 -2.83
N ASP A 307 -24.45 0.23 -2.44
CA ASP A 307 -25.32 0.58 -1.35
C ASP A 307 -25.01 -0.19 -0.09
N ILE A 308 -23.73 -0.50 0.06
CA ILE A 308 -23.20 -1.20 1.23
C ILE A 308 -22.39 -0.15 1.93
N PRO A 309 -22.72 0.17 3.19
CA PRO A 309 -22.03 1.17 3.97
C PRO A 309 -20.59 0.81 4.30
N ILE A 310 -19.67 1.68 3.90
CA ILE A 310 -18.25 1.49 4.12
C ILE A 310 -17.79 2.19 5.39
N GLU A 311 -17.17 1.44 6.29
CA GLU A 311 -16.68 1.98 7.55
C GLU A 311 -15.36 2.71 7.40
N GLU A 312 -15.30 3.94 7.86
CA GLU A 312 -14.08 4.70 7.83
C GLU A 312 -13.63 4.69 9.29
N ARG A 313 -12.39 4.33 9.54
CA ARG A 313 -11.92 4.31 10.91
C ARG A 313 -11.03 5.50 11.24
N ASP A 314 -10.58 5.52 12.50
CA ASP A 314 -9.71 6.56 13.07
C ASP A 314 -8.59 6.98 12.15
N PRO A 315 -8.45 8.30 11.92
CA PRO A 315 -7.40 8.83 11.05
C PRO A 315 -6.01 8.38 11.50
N GLU A 316 -5.80 8.34 12.81
CA GLU A 316 -4.51 7.96 13.37
C GLU A 316 -4.04 6.59 12.90
N GLU A 317 -4.94 5.79 12.34
CA GLU A 317 -4.54 4.46 11.87
C GLU A 317 -3.53 4.64 10.72
N VAL A 318 -3.53 5.83 10.13
CA VAL A 318 -2.66 6.12 8.99
C VAL A 318 -1.53 7.10 9.37
N ARG A 319 -1.65 7.71 10.55
CA ARG A 319 -0.68 8.70 10.97
C ARG A 319 0.37 8.27 11.95
N GLN A 320 0.26 7.03 12.41
CA GLN A 320 1.21 6.49 13.38
C GLN A 320 1.00 4.99 13.56
N ILE A 321 1.98 4.33 14.14
CA ILE A 321 1.84 2.92 14.39
C ILE A 321 2.62 2.56 15.64
N SER A 322 2.00 1.79 16.51
CA SER A 322 2.64 1.37 17.76
C SER A 322 3.34 2.54 18.45
N GLY A 323 2.62 3.65 18.56
CA GLY A 323 3.18 4.81 19.22
C GLY A 323 4.23 5.60 18.46
N VAL A 324 4.51 5.23 17.21
CA VAL A 324 5.49 5.97 16.43
C VAL A 324 4.84 6.65 15.20
N ARG A 325 4.84 7.98 15.23
CA ARG A 325 4.22 8.81 14.21
C ARG A 325 4.87 8.61 12.85
N THR A 326 4.06 8.50 11.81
CA THR A 326 4.60 8.28 10.47
C THR A 326 4.19 9.30 9.43
N ALA A 327 3.55 10.35 9.89
CA ALA A 327 3.10 11.41 9.01
C ALA A 327 2.82 12.61 9.88
N PRO A 328 2.68 13.80 9.27
CA PRO A 328 2.41 15.00 10.03
C PRO A 328 1.15 14.73 10.86
N SER A 329 1.25 14.96 12.16
CA SER A 329 0.16 14.72 13.12
C SER A 329 -1.23 15.17 12.75
N ASN A 330 -1.34 16.21 11.95
CA ASN A 330 -2.66 16.71 11.62
C ASN A 330 -2.94 16.60 10.14
N VAL A 331 -2.13 15.84 9.42
CA VAL A 331 -2.40 15.73 8.00
C VAL A 331 -3.75 15.07 7.80
N PRO A 332 -4.59 15.67 6.94
CA PRO A 332 -5.92 15.13 6.66
C PRO A 332 -5.77 13.74 6.09
N VAL A 333 -6.68 12.82 6.42
CA VAL A 333 -6.57 11.50 5.86
C VAL A 333 -7.93 10.98 5.44
N PHE A 334 -7.94 10.08 4.45
CA PHE A 334 -9.16 9.43 4.00
C PHE A 334 -8.89 7.99 4.46
N ASN A 335 -9.65 7.51 5.45
CA ASN A 335 -9.42 6.16 5.98
C ASN A 335 -10.55 5.15 5.89
N PRO A 336 -10.87 4.67 4.66
CA PRO A 336 -11.93 3.67 4.43
C PRO A 336 -11.36 2.28 4.72
N ALA A 337 -12.15 1.42 5.35
CA ALA A 337 -11.71 0.08 5.70
C ALA A 337 -12.02 -0.94 4.64
N PHE A 338 -12.93 -0.60 3.74
CA PHE A 338 -13.34 -1.54 2.73
C PHE A 338 -13.68 -0.79 1.48
N ASP A 339 -13.59 -1.49 0.35
CA ASP A 339 -13.93 -0.95 -0.95
C ASP A 339 -14.87 -1.97 -1.57
N ILE A 340 -15.40 -1.67 -2.74
CA ILE A 340 -16.31 -2.60 -3.38
C ILE A 340 -15.79 -3.05 -4.73
N THR A 341 -15.89 -4.36 -4.94
CA THR A 341 -15.46 -5.01 -6.17
C THR A 341 -16.69 -5.47 -6.94
N PRO A 342 -16.98 -4.81 -8.07
CA PRO A 342 -18.13 -5.15 -8.91
C PRO A 342 -18.03 -6.58 -9.47
N HIS A 343 -19.11 -7.33 -9.40
CA HIS A 343 -19.11 -8.70 -9.88
C HIS A 343 -18.53 -8.85 -11.29
N ASP A 344 -18.39 -7.73 -12.00
CA ASP A 344 -17.83 -7.76 -13.37
C ASP A 344 -16.36 -8.19 -13.23
N LEU A 345 -15.79 -7.91 -12.06
CA LEU A 345 -14.39 -8.21 -11.80
C LEU A 345 -14.14 -9.57 -11.17
N ILE A 346 -15.21 -10.25 -10.76
CA ILE A 346 -15.03 -11.54 -10.16
C ILE A 346 -15.22 -12.71 -11.12
N SER A 347 -14.21 -13.58 -11.15
CA SER A 347 -14.19 -14.75 -12.00
C SER A 347 -14.98 -15.86 -11.36
N GLY A 348 -15.03 -15.84 -10.03
CA GLY A 348 -15.78 -16.87 -9.33
C GLY A 348 -15.96 -16.60 -7.86
N ILE A 349 -17.02 -17.18 -7.29
CA ILE A 349 -17.35 -17.03 -5.89
C ILE A 349 -17.39 -18.43 -5.24
N ILE A 350 -16.75 -18.58 -4.09
CA ILE A 350 -16.72 -19.88 -3.43
C ILE A 350 -17.35 -19.86 -2.05
N THR A 351 -18.26 -20.82 -1.83
CA THR A 351 -18.96 -20.97 -0.57
C THR A 351 -18.88 -22.43 -0.19
N GLU A 352 -19.63 -22.80 0.83
CA GLU A 352 -19.67 -24.17 1.32
C GLU A 352 -20.47 -25.03 0.33
N LYS A 353 -21.19 -24.38 -0.58
CA LYS A 353 -21.99 -25.08 -1.57
C LYS A 353 -21.29 -25.39 -2.88
N GLY A 354 -20.38 -24.50 -3.28
CA GLY A 354 -19.67 -24.70 -4.54
C GLY A 354 -19.16 -23.45 -5.22
N ILE A 355 -19.03 -23.51 -6.54
CA ILE A 355 -18.49 -22.38 -7.28
C ILE A 355 -19.35 -21.74 -8.38
N MET A 356 -19.99 -20.61 -8.04
CA MET A 356 -20.83 -19.89 -8.99
C MET A 356 -19.93 -18.93 -9.75
N THR A 357 -19.48 -19.36 -10.93
CA THR A 357 -18.56 -18.60 -11.74
C THR A 357 -19.09 -17.46 -12.59
N GLY A 358 -20.37 -17.15 -12.45
CA GLY A 358 -20.91 -16.06 -13.22
C GLY A 358 -22.40 -15.97 -13.10
N ASN A 359 -22.92 -14.81 -13.44
CA ASN A 359 -24.34 -14.56 -13.35
C ASN A 359 -24.70 -14.79 -11.92
N TYR A 360 -24.00 -14.08 -11.05
CA TYR A 360 -24.18 -14.21 -9.63
C TYR A 360 -25.49 -13.67 -9.13
N GLU A 361 -26.22 -12.98 -9.98
CA GLU A 361 -27.49 -12.43 -9.59
C GLU A 361 -28.45 -13.57 -9.37
N GLU A 362 -28.61 -14.35 -10.42
CA GLU A 362 -29.49 -15.49 -10.38
C GLU A 362 -28.94 -16.59 -9.49
N GLU A 363 -27.75 -17.05 -9.81
CA GLU A 363 -27.10 -18.10 -9.03
C GLU A 363 -27.44 -18.03 -7.55
N ILE A 364 -27.41 -16.83 -6.98
CA ILE A 364 -27.71 -16.62 -5.57
C ILE A 364 -29.15 -16.89 -5.16
N GLU A 365 -30.11 -16.38 -5.93
CA GLU A 365 -31.52 -16.59 -5.62
C GLU A 365 -31.76 -18.11 -5.58
N GLN A 366 -31.09 -18.83 -6.49
CA GLN A 366 -31.17 -20.28 -6.54
C GLN A 366 -30.58 -20.70 -5.21
N LEU A 367 -29.27 -20.52 -5.08
CA LEU A 367 -28.56 -20.83 -3.84
C LEU A 367 -29.40 -20.66 -2.58
N PHE A 368 -29.79 -19.41 -2.36
CA PHE A 368 -30.54 -19.01 -1.19
C PHE A 368 -31.92 -19.52 -0.93
N LYS A 369 -31.99 -20.26 0.17
CA LYS A 369 -33.25 -20.88 0.47
C LYS A 369 -33.54 -21.50 1.85
N GLY A 370 -34.71 -21.06 2.37
CA GLY A 370 -35.15 -21.51 3.68
C GLY A 370 -36.00 -20.85 4.87
N ARG B 30 17.20 24.10 3.23
CA ARG B 30 17.45 23.53 1.88
C ARG B 30 17.94 22.10 1.83
N SER B 31 17.55 21.45 0.74
CA SER B 31 17.82 20.06 0.40
C SER B 31 19.27 19.57 0.51
N VAL B 32 20.13 20.04 -0.37
CA VAL B 32 21.52 19.63 -0.37
C VAL B 32 22.39 20.85 -0.45
N GLU B 33 23.21 21.07 0.57
CA GLU B 33 24.08 22.23 0.57
C GLU B 33 25.57 22.03 0.53
N TRP B 34 26.18 22.54 -0.53
CA TRP B 34 27.61 22.43 -0.69
C TRP B 34 28.33 23.55 0.00
N LYS B 35 29.21 23.18 0.92
CA LYS B 35 30.09 24.15 1.56
C LYS B 35 31.30 23.82 0.68
N GLU B 36 32.47 24.36 0.98
CA GLU B 36 33.64 24.09 0.14
C GLU B 36 34.52 22.97 0.70
N THR B 37 34.10 22.41 1.83
CA THR B 37 34.83 21.33 2.48
C THR B 37 33.87 20.39 3.18
N ALA B 38 32.60 20.52 2.85
CA ALA B 38 31.58 19.70 3.49
C ALA B 38 30.23 19.85 2.80
N ILE B 39 29.47 18.77 2.71
CA ILE B 39 28.15 18.80 2.10
C ILE B 39 27.17 18.64 3.24
N THR B 40 26.18 19.53 3.29
CA THR B 40 25.19 19.52 4.35
C THR B 40 23.85 19.06 3.88
N ILE B 41 23.49 17.83 4.24
CA ILE B 41 22.21 17.28 3.85
C ILE B 41 21.25 17.19 5.02
N LEU B 42 19.98 17.33 4.69
CA LEU B 42 18.89 17.20 5.63
C LEU B 42 18.69 15.69 5.75
N ASN B 43 18.64 15.19 6.97
CA ASN B 43 18.41 13.77 7.18
C ASN B 43 16.92 13.49 6.93
N GLN B 44 16.64 13.00 5.74
CA GLN B 44 15.27 12.70 5.32
C GLN B 44 14.68 11.48 6.01
N GLN B 45 15.50 10.67 6.65
CA GLN B 45 14.93 9.50 7.29
C GLN B 45 14.42 9.92 8.65
N LYS B 46 14.79 11.12 9.06
CA LYS B 46 14.35 11.66 10.35
C LYS B 46 12.93 12.26 10.28
N LEU B 47 12.56 12.82 9.15
CA LEU B 47 11.24 13.41 8.99
C LEU B 47 10.18 12.34 9.21
N PRO B 48 8.94 12.74 9.52
CA PRO B 48 8.55 14.14 9.66
C PRO B 48 8.78 14.77 11.03
N ASP B 49 8.89 13.97 12.09
CA ASP B 49 9.08 14.57 13.40
C ASP B 49 10.41 15.27 13.65
N GLU B 50 11.41 15.06 12.80
CA GLU B 50 12.69 15.71 13.02
C GLU B 50 13.31 16.32 11.78
N THR B 51 14.00 17.43 11.98
CA THR B 51 14.68 18.09 10.89
C THR B 51 16.13 18.27 11.29
N GLU B 52 16.91 17.20 11.26
CA GLU B 52 18.33 17.28 11.61
C GLU B 52 19.15 17.27 10.33
N TYR B 53 20.33 17.89 10.38
CA TYR B 53 21.22 17.97 9.23
C TYR B 53 22.52 17.21 9.45
N LEU B 54 23.22 16.87 8.36
CA LEU B 54 24.47 16.13 8.46
C LEU B 54 25.61 16.73 7.65
N GLU B 55 26.81 16.58 8.19
CA GLU B 55 28.01 17.08 7.56
C GLU B 55 28.78 15.96 6.87
N LEU B 56 28.49 15.75 5.60
CA LEU B 56 29.18 14.74 4.85
C LEU B 56 30.58 15.27 4.55
N THR B 57 31.58 14.44 4.79
CA THR B 57 32.98 14.82 4.60
C THR B 57 33.75 13.82 3.76
N THR B 58 33.30 12.57 3.82
CA THR B 58 33.95 11.48 3.12
C THR B 58 33.12 10.94 1.97
N LYS B 59 33.77 10.37 0.98
CA LYS B 59 33.01 9.79 -0.12
C LYS B 59 32.27 8.61 0.52
N GLU B 60 32.74 8.23 1.71
CA GLU B 60 32.14 7.15 2.47
C GLU B 60 30.81 7.63 2.98
N ASP B 61 30.79 8.88 3.44
CA ASP B 61 29.60 9.57 3.97
C ASP B 61 28.53 9.78 2.89
N VAL B 62 28.97 10.09 1.68
CA VAL B 62 28.06 10.32 0.59
C VAL B 62 27.40 9.00 0.22
N PHE B 63 28.24 7.97 0.05
CA PHE B 63 27.80 6.62 -0.32
C PHE B 63 26.71 6.07 0.61
N ASP B 64 26.94 6.28 1.90
CA ASP B 64 26.05 5.85 2.96
C ASP B 64 24.71 6.61 2.83
N ALA B 65 24.77 7.92 3.03
CA ALA B 65 23.58 8.79 2.95
C ALA B 65 22.65 8.36 1.82
N ILE B 66 23.22 8.21 0.64
CA ILE B 66 22.49 7.80 -0.54
C ILE B 66 21.86 6.42 -0.44
N VAL B 67 22.66 5.45 0.00
CA VAL B 67 22.20 4.06 0.12
C VAL B 67 21.23 3.88 1.29
N THR B 68 21.38 4.66 2.36
CA THR B 68 20.48 4.53 3.50
C THR B 68 19.37 5.55 3.47
N LEU B 69 19.16 6.12 2.30
CA LEU B 69 18.11 7.10 2.11
C LEU B 69 18.05 8.29 3.05
N LYS B 70 19.21 8.80 3.47
CA LYS B 70 19.22 9.98 4.32
C LYS B 70 18.98 11.09 3.33
N VAL B 71 19.30 10.76 2.08
CA VAL B 71 19.13 11.62 0.92
C VAL B 71 18.56 10.76 -0.21
N ARG B 72 17.48 11.23 -0.80
CA ARG B 72 16.85 10.53 -1.89
C ARG B 72 16.23 11.52 -2.87
N GLY B 73 15.56 11.03 -3.91
CA GLY B 73 15.00 11.91 -4.92
C GLY B 73 16.01 11.87 -6.05
N ALA B 74 15.59 11.46 -7.24
CA ALA B 74 16.48 11.33 -8.40
C ALA B 74 17.45 12.49 -8.57
N PRO B 75 16.94 13.73 -8.58
CA PRO B 75 17.85 14.86 -8.74
C PRO B 75 18.73 15.10 -7.53
N ALA B 76 18.12 15.23 -6.35
CA ALA B 76 18.88 15.46 -5.14
C ALA B 76 20.02 14.45 -5.07
N ILE B 77 19.71 13.19 -5.38
CA ILE B 77 20.71 12.14 -5.37
C ILE B 77 21.93 12.54 -6.22
N GLY B 78 21.69 12.89 -7.49
CA GLY B 78 22.76 13.30 -8.38
C GLY B 78 23.48 14.55 -7.88
N ILE B 79 22.73 15.54 -7.42
CA ILE B 79 23.31 16.77 -6.89
C ILE B 79 24.36 16.40 -5.84
N THR B 80 24.02 15.41 -5.02
CA THR B 80 24.90 14.97 -3.97
C THR B 80 26.06 14.15 -4.50
N ALA B 81 25.76 13.18 -5.35
CA ALA B 81 26.84 12.34 -5.88
C ALA B 81 27.88 13.20 -6.55
N ALA B 82 27.41 14.20 -7.29
CA ALA B 82 28.27 15.12 -8.02
C ALA B 82 29.12 15.88 -7.01
N PHE B 83 28.47 16.76 -6.25
CA PHE B 83 29.18 17.53 -5.24
C PHE B 83 30.16 16.61 -4.51
N GLY B 84 29.64 15.48 -4.04
CA GLY B 84 30.45 14.52 -3.29
C GLY B 84 31.72 14.15 -4.01
N LEU B 85 31.58 13.76 -5.26
CA LEU B 85 32.71 13.38 -6.08
C LEU B 85 33.77 14.46 -6.04
N ALA B 86 33.34 15.71 -6.23
CA ALA B 86 34.23 16.85 -6.24
C ALA B 86 34.93 17.07 -4.89
N LEU B 87 34.24 16.78 -3.80
CA LEU B 87 34.81 16.94 -2.49
C LEU B 87 35.85 15.82 -2.34
N ALA B 88 35.65 14.74 -3.09
CA ALA B 88 36.55 13.62 -3.06
C ALA B 88 37.86 14.00 -3.73
N ALA B 89 37.75 14.44 -4.98
CA ALA B 89 38.90 14.85 -5.77
C ALA B 89 39.74 15.91 -5.05
N LYS B 90 39.44 16.15 -3.79
CA LYS B 90 40.19 17.12 -3.01
C LYS B 90 41.42 16.43 -2.44
N ASP B 91 41.20 15.66 -1.38
CA ASP B 91 42.25 14.93 -0.69
C ASP B 91 42.86 13.82 -1.56
N ILE B 92 43.54 14.22 -2.62
CA ILE B 92 44.17 13.30 -3.56
C ILE B 92 45.36 14.01 -4.21
N GLU B 93 46.57 13.53 -3.88
CA GLU B 93 47.81 14.13 -4.38
C GLU B 93 48.33 13.56 -5.69
N THR B 94 48.53 14.43 -6.67
CA THR B 94 49.06 14.01 -7.96
C THR B 94 49.46 15.19 -8.81
N ASP B 95 50.75 15.28 -9.09
CA ASP B 95 51.28 16.35 -9.93
C ASP B 95 50.54 16.19 -11.25
N ASN B 96 50.42 14.92 -11.66
CA ASN B 96 49.79 14.52 -12.90
C ASN B 96 48.28 14.75 -13.02
N VAL B 97 47.82 14.91 -14.26
CA VAL B 97 46.40 15.14 -14.57
C VAL B 97 45.76 13.80 -14.87
N THR B 98 46.41 13.01 -15.71
CA THR B 98 45.92 11.69 -16.09
C THR B 98 46.02 10.68 -14.97
N GLU B 99 46.80 10.98 -13.93
CA GLU B 99 46.92 10.10 -12.79
C GLU B 99 45.78 10.41 -11.85
N PHE B 100 45.34 11.66 -11.90
CA PHE B 100 44.24 12.12 -11.08
C PHE B 100 42.99 11.50 -11.67
N ARG B 101 42.84 11.67 -12.99
CA ARG B 101 41.71 11.10 -13.70
C ARG B 101 41.81 9.59 -13.54
N ARG B 102 43.00 9.08 -13.83
CA ARG B 102 43.27 7.66 -13.76
C ARG B 102 42.54 7.01 -12.59
N ARG B 103 42.74 7.54 -11.39
CA ARG B 103 42.10 6.96 -10.21
C ARG B 103 40.79 7.65 -9.89
N LEU B 104 40.49 8.72 -10.59
CA LEU B 104 39.26 9.46 -10.35
C LEU B 104 37.98 8.72 -10.72
N GLU B 105 38.08 7.51 -11.26
CA GLU B 105 36.84 6.78 -11.54
C GLU B 105 36.56 6.01 -10.27
N ASP B 106 37.57 5.29 -9.78
CA ASP B 106 37.43 4.53 -8.55
C ASP B 106 36.40 5.21 -7.65
N ILE B 107 36.41 6.55 -7.65
CA ILE B 107 35.45 7.35 -6.89
C ILE B 107 34.09 7.29 -7.59
N LYS B 108 34.06 7.75 -8.84
CA LYS B 108 32.85 7.74 -9.65
C LYS B 108 32.16 6.39 -9.49
N GLN B 109 32.93 5.33 -9.75
CA GLN B 109 32.43 3.95 -9.64
C GLN B 109 31.93 3.65 -8.23
N TYR B 110 32.73 3.98 -7.22
CA TYR B 110 32.33 3.75 -5.83
C TYR B 110 30.93 4.27 -5.56
N LEU B 111 30.65 5.50 -6.00
CA LEU B 111 29.36 6.15 -5.82
C LEU B 111 28.32 5.65 -6.80
N ASN B 112 28.71 5.49 -8.05
CA ASN B 112 27.74 5.00 -9.03
C ASN B 112 27.20 3.64 -8.61
N SER B 113 27.98 2.91 -7.82
CA SER B 113 27.55 1.61 -7.36
C SER B 113 26.64 1.73 -6.12
N SER B 114 26.29 2.96 -5.74
CA SER B 114 25.42 3.16 -4.57
C SER B 114 24.00 2.62 -4.85
N ARG B 115 23.22 3.33 -5.68
CA ARG B 115 21.87 2.89 -6.08
C ARG B 115 21.75 2.95 -7.61
N PRO B 116 21.28 1.86 -8.22
CA PRO B 116 21.09 1.60 -9.65
C PRO B 116 20.02 2.31 -10.47
N THR B 117 18.76 2.16 -10.07
CA THR B 117 17.62 2.73 -10.79
C THR B 117 17.62 4.16 -11.33
N ALA B 118 17.73 5.14 -10.44
CA ALA B 118 17.72 6.51 -10.91
C ALA B 118 18.89 6.76 -11.88
N ILE B 119 18.58 7.17 -13.11
CA ILE B 119 19.61 7.48 -14.10
C ILE B 119 20.30 8.85 -13.82
N ASN B 120 19.90 9.53 -12.76
CA ASN B 120 20.48 10.84 -12.45
C ASN B 120 21.83 10.77 -11.80
N LEU B 121 22.07 9.69 -11.05
CA LEU B 121 23.34 9.50 -10.40
C LEU B 121 24.37 9.17 -11.47
N SER B 122 23.95 8.42 -12.49
CA SER B 122 24.89 8.11 -13.56
C SER B 122 25.22 9.43 -14.29
N TRP B 123 24.19 10.03 -14.84
CA TRP B 123 24.26 11.28 -15.58
C TRP B 123 25.06 12.38 -14.89
N ALA B 124 24.86 12.52 -13.58
CA ALA B 124 25.54 13.55 -12.81
C ALA B 124 27.00 13.27 -12.55
N LEU B 125 27.42 12.02 -12.69
CA LEU B 125 28.82 11.65 -12.48
C LEU B 125 29.50 11.69 -13.84
N GLU B 126 28.76 11.24 -14.84
CA GLU B 126 29.24 11.23 -16.21
C GLU B 126 29.57 12.64 -16.64
N ARG B 127 28.79 13.62 -16.16
CA ARG B 127 29.05 15.00 -16.53
C ARG B 127 30.35 15.47 -15.90
N LEU B 128 30.47 15.32 -14.59
CA LEU B 128 31.67 15.75 -13.89
C LEU B 128 32.96 15.14 -14.45
N SER B 129 32.89 13.88 -14.85
CA SER B 129 34.05 13.18 -15.39
C SER B 129 34.38 13.61 -16.83
N HIS B 130 33.44 14.26 -17.50
CA HIS B 130 33.63 14.70 -18.88
C HIS B 130 34.17 16.14 -18.95
N SER B 131 33.91 16.90 -17.89
CA SER B 131 34.35 18.28 -17.81
C SER B 131 35.73 18.43 -17.19
N VAL B 132 36.55 17.41 -17.37
CA VAL B 132 37.92 17.45 -16.86
C VAL B 132 38.72 16.65 -17.85
N GLU B 133 38.07 16.34 -18.97
CA GLU B 133 38.65 15.59 -20.08
C GLU B 133 39.82 16.32 -20.70
N ASN B 134 39.62 17.60 -20.97
CA ASN B 134 40.66 18.39 -21.59
C ASN B 134 41.32 19.28 -20.56
N ALA B 135 41.32 18.83 -19.30
CA ALA B 135 41.91 19.55 -18.18
C ALA B 135 43.44 19.44 -18.26
N ILE B 136 44.09 20.60 -18.18
CA ILE B 136 45.54 20.72 -18.29
C ILE B 136 46.27 20.63 -16.95
N SER B 137 45.55 20.80 -15.85
CA SER B 137 46.15 20.76 -14.53
C SER B 137 45.25 20.08 -13.48
N VAL B 138 45.89 19.40 -12.53
CA VAL B 138 45.19 18.71 -11.46
C VAL B 138 44.33 19.71 -10.68
N ASN B 139 44.85 20.92 -10.48
CA ASN B 139 44.12 21.97 -9.75
C ASN B 139 42.97 22.52 -10.59
N GLU B 140 43.16 22.50 -11.92
CA GLU B 140 42.13 22.99 -12.84
C GLU B 140 40.91 22.11 -12.61
N ALA B 141 41.05 20.83 -12.94
CA ALA B 141 39.96 19.88 -12.77
C ALA B 141 39.51 19.92 -11.31
N LYS B 142 40.46 19.74 -10.40
CA LYS B 142 40.19 19.76 -8.97
C LYS B 142 39.23 20.91 -8.64
N THR B 143 39.28 21.96 -9.45
CA THR B 143 38.43 23.13 -9.25
C THR B 143 37.28 23.23 -10.25
N ASN B 144 37.43 22.62 -11.41
CA ASN B 144 36.37 22.65 -12.42
C ASN B 144 35.18 21.84 -11.91
N LEU B 145 35.49 20.75 -11.23
CA LEU B 145 34.50 19.84 -10.67
C LEU B 145 33.50 20.55 -9.78
N VAL B 146 33.99 21.33 -8.82
CA VAL B 146 33.13 22.06 -7.91
C VAL B 146 32.22 22.99 -8.69
N HIS B 147 32.78 23.66 -9.68
CA HIS B 147 32.00 24.57 -10.51
C HIS B 147 30.93 23.80 -11.28
N GLU B 148 31.28 22.59 -11.70
CA GLU B 148 30.35 21.77 -12.47
C GLU B 148 29.18 21.32 -11.58
N ALA B 149 29.51 20.91 -10.37
CA ALA B 149 28.51 20.43 -9.42
C ALA B 149 27.59 21.55 -8.97
N ILE B 150 28.01 22.80 -9.15
CA ILE B 150 27.16 23.93 -8.77
C ILE B 150 26.35 24.28 -10.01
N GLN B 151 26.96 24.07 -11.16
CA GLN B 151 26.32 24.30 -12.45
C GLN B 151 25.08 23.39 -12.47
N ILE B 152 25.24 22.15 -12.02
CA ILE B 152 24.16 21.16 -11.98
C ILE B 152 22.98 21.49 -11.05
N GLN B 153 23.28 21.87 -9.81
CA GLN B 153 22.22 22.19 -8.85
C GLN B 153 21.34 23.31 -9.35
N VAL B 154 21.93 24.48 -9.59
CA VAL B 154 21.15 25.62 -10.06
C VAL B 154 20.38 25.33 -11.35
N GLU B 155 20.99 24.58 -12.27
CA GLU B 155 20.32 24.24 -13.52
C GLU B 155 18.99 23.57 -13.24
N ASP B 156 19.02 22.69 -12.25
CA ASP B 156 17.87 21.94 -11.80
C ASP B 156 16.76 22.90 -11.37
N GLU B 157 17.05 23.80 -10.44
CA GLU B 157 16.06 24.76 -9.97
C GLU B 157 15.28 25.34 -11.13
N GLU B 158 16.01 25.90 -12.09
CA GLU B 158 15.35 26.50 -13.23
C GLU B 158 14.52 25.48 -13.99
N THR B 159 14.98 24.23 -14.10
CA THR B 159 14.21 23.22 -14.84
C THR B 159 13.06 22.65 -14.02
N CYS B 160 13.10 22.84 -12.71
CA CYS B 160 12.03 22.35 -11.88
C CYS B 160 10.93 23.42 -12.00
N ARG B 161 11.37 24.68 -11.99
CA ARG B 161 10.47 25.84 -12.11
C ARG B 161 9.77 25.79 -13.47
N LEU B 162 10.45 25.28 -14.48
CA LEU B 162 9.92 25.20 -15.83
C LEU B 162 8.95 24.05 -16.05
N ILE B 163 9.20 22.95 -15.35
CA ILE B 163 8.32 21.79 -15.48
C ILE B 163 7.06 22.12 -14.72
N GLY B 164 7.23 22.83 -13.61
CA GLY B 164 6.10 23.22 -12.79
C GLY B 164 5.10 23.94 -13.67
N GLN B 165 5.57 25.03 -14.28
CA GLN B 165 4.73 25.82 -15.16
C GLN B 165 4.24 24.96 -16.33
N ASN B 166 5.14 24.21 -16.95
CA ASN B 166 4.72 23.38 -18.05
C ASN B 166 3.57 22.48 -17.69
N ALA B 167 3.64 21.86 -16.52
CA ALA B 167 2.62 20.93 -16.08
C ALA B 167 1.31 21.53 -15.55
N LEU B 168 1.37 22.74 -15.00
CA LEU B 168 0.18 23.36 -14.43
C LEU B 168 -0.94 23.56 -15.45
N GLN B 169 -0.55 23.60 -16.72
CA GLN B 169 -1.51 23.75 -17.79
C GLN B 169 -2.42 22.56 -17.88
N LEU B 170 -2.01 21.43 -17.30
CA LEU B 170 -2.81 20.20 -17.34
C LEU B 170 -3.99 20.13 -16.36
N PHE B 171 -4.05 21.04 -15.39
CA PHE B 171 -5.13 21.00 -14.40
C PHE B 171 -6.02 22.23 -14.36
N LYS B 172 -7.33 22.00 -14.25
CA LYS B 172 -8.27 23.10 -14.13
C LYS B 172 -8.19 23.44 -12.65
N LYS B 173 -9.10 24.24 -12.12
CA LYS B 173 -9.01 24.56 -10.70
C LYS B 173 -10.03 23.80 -9.88
N GLY B 174 -9.64 23.51 -8.64
CA GLY B 174 -10.50 22.76 -7.72
C GLY B 174 -10.54 21.28 -8.03
N ASP B 175 -9.49 20.77 -8.68
CA ASP B 175 -9.46 19.35 -9.03
C ASP B 175 -8.58 18.52 -8.15
N ARG B 176 -8.95 17.25 -8.02
CA ARG B 176 -8.22 16.34 -7.19
C ARG B 176 -7.16 15.53 -7.91
N ILE B 177 -5.90 15.84 -7.63
CA ILE B 177 -4.80 15.11 -8.26
C ILE B 177 -4.23 14.10 -7.27
N MET B 178 -3.69 13.00 -7.79
CA MET B 178 -3.11 11.99 -6.92
C MET B 178 -1.66 11.79 -7.33
N THR B 179 -0.78 11.68 -6.34
CA THR B 179 0.65 11.45 -6.61
C THR B 179 1.15 10.30 -5.77
N ILE B 180 2.41 9.95 -5.97
CA ILE B 180 3.03 8.85 -5.24
C ILE B 180 4.50 9.21 -5.09
N CYS B 181 5.09 8.77 -3.97
CA CYS B 181 6.50 9.00 -3.61
C CYS B 181 6.59 10.41 -3.10
N ASN B 182 7.68 11.08 -3.40
CA ASN B 182 7.89 12.47 -2.96
C ASN B 182 8.83 13.18 -3.91
N ALA B 183 8.29 13.58 -5.06
CA ALA B 183 9.09 14.28 -6.08
C ALA B 183 8.94 15.80 -5.93
N GLY B 184 9.39 16.30 -4.79
CA GLY B 184 9.30 17.73 -4.50
C GLY B 184 10.61 18.50 -4.39
N SER B 185 10.61 19.50 -3.53
CA SER B 185 11.76 20.36 -3.32
C SER B 185 12.94 19.72 -2.59
N ILE B 186 12.71 18.71 -1.76
CA ILE B 186 13.82 18.08 -1.05
C ILE B 186 14.38 16.92 -1.83
N ALA B 187 13.65 16.53 -2.88
CA ALA B 187 14.06 15.45 -3.76
C ALA B 187 14.84 16.09 -4.86
N THR B 188 14.54 17.36 -5.11
CA THR B 188 15.20 18.15 -6.13
C THR B 188 15.87 19.33 -5.45
N SER B 189 16.54 20.20 -6.21
CA SER B 189 17.18 21.37 -5.61
C SER B 189 16.09 22.23 -4.94
N ARG B 190 14.93 22.31 -5.59
CA ARG B 190 13.78 23.04 -5.09
C ARG B 190 12.66 23.06 -6.12
N TYR B 191 11.44 23.26 -5.65
CA TYR B 191 10.24 23.28 -6.48
C TYR B 191 9.73 21.86 -6.73
N GLY B 192 10.64 21.00 -7.18
CA GLY B 192 10.29 19.62 -7.47
C GLY B 192 10.00 19.36 -8.94
N THR B 193 9.33 18.26 -9.22
CA THR B 193 8.97 17.93 -10.59
C THR B 193 7.48 17.66 -10.66
N ALA B 194 7.02 16.72 -9.84
CA ALA B 194 5.60 16.42 -9.82
C ALA B 194 4.89 17.38 -8.88
N LEU B 195 5.54 17.74 -7.78
CA LEU B 195 4.92 18.65 -6.84
C LEU B 195 5.01 20.08 -7.33
N ALA B 196 5.99 20.39 -8.16
CA ALA B 196 6.13 21.75 -8.65
C ALA B 196 4.76 22.38 -8.99
N PRO B 197 4.00 21.76 -9.89
CA PRO B 197 2.71 22.33 -10.27
C PRO B 197 1.74 22.69 -9.15
N PHE B 198 2.00 22.22 -7.94
CA PHE B 198 1.09 22.50 -6.85
C PHE B 198 1.50 23.78 -6.12
N TYR B 199 2.79 24.00 -6.04
CA TYR B 199 3.31 25.19 -5.40
C TYR B 199 2.87 26.37 -6.25
N LEU B 200 2.98 26.19 -7.56
CA LEU B 200 2.64 27.20 -8.54
C LEU B 200 1.14 27.46 -8.57
N ALA B 201 0.36 26.42 -8.36
CA ALA B 201 -1.09 26.55 -8.33
C ALA B 201 -1.46 27.31 -7.07
N LYS B 202 -0.72 27.09 -6.00
CA LYS B 202 -0.98 27.79 -4.75
C LYS B 202 -0.82 29.27 -5.04
N GLN B 203 0.19 29.58 -5.86
CA GLN B 203 0.53 30.95 -6.28
C GLN B 203 -0.60 31.60 -7.01
N LYS B 204 -1.05 30.94 -8.07
CA LYS B 204 -2.14 31.46 -8.87
C LYS B 204 -3.44 31.21 -8.14
N ASP B 205 -3.33 30.66 -6.94
CA ASP B 205 -4.50 30.37 -6.14
C ASP B 205 -5.61 29.67 -6.92
N LEU B 206 -5.50 28.34 -6.98
CA LEU B 206 -6.49 27.56 -7.69
C LEU B 206 -6.72 26.32 -6.88
N GLY B 207 -7.99 26.14 -6.52
CA GLY B 207 -8.43 25.04 -5.69
C GLY B 207 -7.90 23.62 -5.75
N LEU B 208 -6.61 23.45 -5.95
CA LEU B 208 -6.03 22.13 -6.06
C LEU B 208 -6.03 21.33 -4.76
N HIS B 209 -6.58 20.14 -4.86
CA HIS B 209 -6.60 19.26 -3.71
C HIS B 209 -5.78 18.04 -4.12
N ILE B 210 -4.59 17.88 -3.56
CA ILE B 210 -3.82 16.72 -3.96
C ILE B 210 -3.93 15.58 -2.97
N TYR B 211 -3.93 14.37 -3.52
CA TYR B 211 -4.04 13.16 -2.73
C TYR B 211 -2.73 12.40 -2.80
N ALA B 212 -2.04 12.32 -1.66
CA ALA B 212 -0.76 11.63 -1.57
C ALA B 212 -0.88 10.24 -0.93
N CYS B 213 -0.41 9.22 -1.64
CA CYS B 213 -0.44 7.84 -1.14
C CYS B 213 0.83 7.75 -0.33
N GLU B 214 0.75 7.13 0.84
CA GLU B 214 1.91 7.05 1.69
C GLU B 214 3.17 6.51 1.05
N THR B 215 3.01 5.68 0.02
CA THR B 215 4.16 5.14 -0.67
C THR B 215 5.03 4.34 0.29
N ARG B 216 4.72 3.08 0.48
CA ARG B 216 5.50 2.21 1.34
C ARG B 216 6.50 1.63 0.35
N PRO B 217 7.54 0.91 0.81
CA PRO B 217 7.88 0.65 2.22
C PRO B 217 8.52 1.79 2.99
N VAL B 218 9.36 2.58 2.30
CA VAL B 218 10.09 3.70 2.90
C VAL B 218 9.23 4.88 3.30
N LEU B 219 8.01 4.95 2.75
CA LEU B 219 7.03 6.00 3.04
C LEU B 219 7.40 7.45 2.68
N GLN B 220 8.04 7.68 1.53
CA GLN B 220 8.37 9.06 1.24
C GLN B 220 7.12 9.90 1.03
N GLY B 221 5.97 9.24 0.92
CA GLY B 221 4.73 9.94 0.68
C GLY B 221 4.09 10.58 1.90
N SER B 222 3.85 9.77 2.93
CA SER B 222 3.26 10.27 4.15
C SER B 222 4.31 11.01 4.97
N ARG B 223 5.58 10.68 4.79
CA ARG B 223 6.68 11.31 5.53
C ARG B 223 7.31 12.53 4.85
N LEU B 224 7.53 12.47 3.54
CA LEU B 224 8.13 13.61 2.88
C LEU B 224 7.13 14.51 2.18
N THR B 225 6.29 13.92 1.36
CA THR B 225 5.29 14.69 0.65
C THR B 225 4.26 15.39 1.56
N ALA B 226 3.49 14.62 2.32
CA ALA B 226 2.50 15.21 3.24
C ALA B 226 3.07 16.35 4.08
N TRP B 227 4.35 16.24 4.44
CA TRP B 227 5.02 17.22 5.28
C TRP B 227 5.39 18.51 4.57
N GLU B 228 5.87 18.44 3.34
CA GLU B 228 6.21 19.68 2.68
C GLU B 228 4.96 20.38 2.15
N LEU B 229 4.10 19.64 1.48
CA LEU B 229 2.86 20.24 0.97
C LEU B 229 2.09 20.94 2.09
N MET B 230 2.28 20.48 3.32
CA MET B 230 1.58 21.08 4.45
C MET B 230 2.22 22.40 4.81
N GLN B 231 3.55 22.40 4.81
CA GLN B 231 4.36 23.58 5.08
C GLN B 231 3.89 24.67 4.14
N GLY B 232 3.86 24.34 2.85
CA GLY B 232 3.40 25.30 1.85
C GLY B 232 1.89 25.51 1.79
N GLY B 233 1.18 25.15 2.85
CA GLY B 233 -0.26 25.33 2.88
C GLY B 233 -0.96 24.73 1.69
N ILE B 234 -0.39 23.65 1.16
CA ILE B 234 -0.97 22.98 0.02
C ILE B 234 -2.06 22.01 0.48
N ASP B 235 -3.23 22.09 -0.16
CA ASP B 235 -4.32 21.22 0.20
C ASP B 235 -3.98 19.77 -0.06
N VAL B 236 -3.67 19.02 1.00
CA VAL B 236 -3.30 17.61 0.85
C VAL B 236 -4.12 16.64 1.70
N THR B 237 -4.32 15.43 1.19
CA THR B 237 -5.02 14.39 1.94
C THR B 237 -4.26 13.08 1.75
N LEU B 238 -3.92 12.44 2.87
CA LEU B 238 -3.16 11.21 2.86
C LEU B 238 -4.00 9.95 2.77
N ILE B 239 -3.53 8.98 2.00
CA ILE B 239 -4.21 7.70 1.86
C ILE B 239 -3.13 6.64 1.76
N THR B 240 -3.43 5.43 2.21
CA THR B 240 -2.45 4.34 2.09
C THR B 240 -2.49 3.89 0.62
N ASP B 241 -1.42 3.29 0.16
CA ASP B 241 -1.35 2.89 -1.25
C ASP B 241 -2.54 2.05 -1.70
N SER B 242 -3.08 1.30 -0.75
CA SER B 242 -4.22 0.41 -0.97
C SER B 242 -5.55 1.11 -1.07
N MET B 243 -5.55 2.41 -1.36
CA MET B 243 -6.81 3.13 -1.45
C MET B 243 -6.94 3.90 -2.75
N ALA B 244 -5.99 3.67 -3.64
CA ALA B 244 -5.95 4.31 -4.94
C ALA B 244 -7.29 4.16 -5.67
N ALA B 245 -7.63 2.92 -5.97
CA ALA B 245 -8.87 2.61 -6.66
C ALA B 245 -10.10 3.24 -6.02
N HIS B 246 -10.31 2.94 -4.75
CA HIS B 246 -11.49 3.45 -4.09
C HIS B 246 -11.51 4.95 -4.05
N THR B 247 -10.38 5.57 -3.72
CA THR B 247 -10.38 7.02 -3.70
C THR B 247 -10.73 7.53 -5.10
N MET B 248 -10.21 6.87 -6.13
CA MET B 248 -10.51 7.31 -7.48
C MET B 248 -11.99 7.38 -7.79
N LYS B 249 -12.75 6.36 -7.39
CA LYS B 249 -14.20 6.35 -7.63
C LYS B 249 -14.95 7.28 -6.69
N GLU B 250 -14.78 7.07 -5.40
CA GLU B 250 -15.46 7.85 -4.38
C GLU B 250 -15.17 9.33 -4.38
N LYS B 251 -13.89 9.69 -4.49
CA LYS B 251 -13.47 11.09 -4.48
C LYS B 251 -13.42 11.82 -5.80
N GLN B 252 -13.58 11.09 -6.91
CA GLN B 252 -13.55 11.68 -8.26
C GLN B 252 -12.28 12.46 -8.52
N ILE B 253 -11.15 11.76 -8.48
CA ILE B 253 -9.89 12.45 -8.68
C ILE B 253 -9.77 12.67 -10.18
N SER B 254 -9.37 13.88 -10.54
CA SER B 254 -9.25 14.29 -11.93
C SER B 254 -7.97 13.89 -12.68
N ALA B 255 -6.85 13.78 -11.98
CA ALA B 255 -5.66 13.38 -12.70
C ALA B 255 -4.64 12.74 -11.80
N VAL B 256 -3.63 12.17 -12.41
CA VAL B 256 -2.56 11.54 -11.66
C VAL B 256 -1.22 12.11 -12.13
N ILE B 257 -0.32 12.35 -11.19
CA ILE B 257 0.98 12.85 -11.57
C ILE B 257 2.06 12.34 -10.62
N VAL B 258 3.10 11.78 -11.25
CA VAL B 258 4.23 11.19 -10.58
C VAL B 258 5.49 11.75 -11.21
N GLY B 259 6.63 11.17 -10.85
CA GLY B 259 7.87 11.66 -11.38
C GLY B 259 8.94 10.61 -11.51
N ALA B 260 9.32 10.31 -12.74
CA ALA B 260 10.36 9.32 -13.03
C ALA B 260 11.66 9.27 -12.21
N ASP B 261 12.41 8.20 -12.48
CA ASP B 261 13.72 7.95 -11.89
C ASP B 261 14.64 7.64 -13.05
N ARG B 262 14.02 7.22 -14.14
CA ARG B 262 14.67 6.92 -15.40
C ARG B 262 13.60 6.68 -16.49
N ILE B 263 13.73 7.36 -17.63
CA ILE B 263 12.78 7.18 -18.72
C ILE B 263 13.51 6.53 -19.92
N ALA B 264 12.86 5.56 -20.55
CA ALA B 264 13.43 4.84 -21.68
C ALA B 264 13.12 5.49 -23.03
N LYS B 265 13.99 5.24 -23.99
CA LYS B 265 13.87 5.81 -25.31
C LYS B 265 12.49 5.67 -26.01
N ASN B 266 11.49 5.14 -25.33
CA ASN B 266 10.16 5.02 -25.98
C ASN B 266 8.96 5.44 -25.15
N GLY B 267 9.21 6.06 -24.00
CA GLY B 267 8.13 6.49 -23.12
C GLY B 267 8.10 5.70 -21.82
N ASP B 268 8.61 4.47 -21.91
CA ASP B 268 8.66 3.60 -20.75
C ASP B 268 9.39 4.30 -19.62
N THR B 269 8.64 4.68 -18.60
CA THR B 269 9.18 5.36 -17.43
C THR B 269 9.39 4.40 -16.26
N ALA B 270 10.46 4.62 -15.51
CA ALA B 270 10.78 3.82 -14.33
C ALA B 270 10.63 4.73 -13.12
N ASN B 271 9.61 4.47 -12.30
CA ASN B 271 9.36 5.30 -11.14
C ASN B 271 9.12 4.43 -9.92
N LYS B 272 9.27 5.04 -8.75
CA LYS B 272 9.06 4.40 -7.45
C LYS B 272 8.05 3.29 -7.56
N ILE B 273 8.26 2.21 -6.83
CA ILE B 273 7.31 1.09 -6.86
C ILE B 273 5.93 1.58 -6.46
N GLY B 274 4.93 1.20 -7.25
CA GLY B 274 3.57 1.61 -6.97
C GLY B 274 2.99 2.39 -8.13
N THR B 275 3.88 3.02 -8.90
CA THR B 275 3.48 3.82 -10.03
C THR B 275 2.82 3.01 -11.13
N TYR B 276 3.31 1.81 -11.37
CA TYR B 276 2.76 0.98 -12.45
C TYR B 276 1.27 0.69 -12.26
N GLY B 277 0.87 0.47 -11.03
CA GLY B 277 -0.53 0.19 -10.80
C GLY B 277 -1.38 1.46 -10.87
N LEU B 278 -0.83 2.59 -10.41
CA LEU B 278 -1.61 3.80 -10.44
C LEU B 278 -1.89 4.10 -11.89
N ALA B 279 -0.99 3.60 -12.73
CA ALA B 279 -1.11 3.77 -14.17
C ALA B 279 -2.22 2.88 -14.68
N ILE B 280 -2.16 1.61 -14.29
CA ILE B 280 -3.18 0.66 -14.72
C ILE B 280 -4.56 1.08 -14.22
N LEU B 281 -4.62 1.39 -12.93
CA LEU B 281 -5.87 1.83 -12.32
C LEU B 281 -6.31 3.06 -13.09
N ALA B 282 -5.48 4.10 -13.12
CA ALA B 282 -5.79 5.32 -13.85
C ALA B 282 -6.47 4.97 -15.18
N ASN B 283 -5.75 4.25 -16.04
CA ASN B 283 -6.30 3.85 -17.33
C ASN B 283 -7.74 3.32 -17.14
N ALA B 284 -7.90 2.38 -16.22
CA ALA B 284 -9.22 1.81 -15.97
C ALA B 284 -10.30 2.82 -15.61
N PHE B 285 -9.92 3.88 -14.90
CA PHE B 285 -10.90 4.88 -14.52
C PHE B 285 -10.90 5.99 -15.56
N ASP B 286 -10.02 5.84 -16.54
CA ASP B 286 -9.88 6.80 -17.61
C ASP B 286 -9.65 8.23 -17.13
N ILE B 287 -8.50 8.44 -16.50
CA ILE B 287 -8.12 9.74 -16.07
C ILE B 287 -6.67 9.87 -16.51
N PRO B 288 -6.26 11.08 -16.84
CA PRO B 288 -4.89 11.29 -17.29
C PRO B 288 -3.81 10.94 -16.28
N PHE B 289 -2.85 10.15 -16.74
CA PHE B 289 -1.69 9.79 -15.92
C PHE B 289 -0.53 10.60 -16.54
N PHE B 290 0.18 11.37 -15.71
CA PHE B 290 1.30 12.22 -16.19
C PHE B 290 2.64 11.99 -15.50
N VAL B 291 3.73 12.09 -16.25
CA VAL B 291 5.07 11.94 -15.70
C VAL B 291 5.82 13.28 -15.83
N ALA B 292 6.49 13.67 -14.76
CA ALA B 292 7.21 14.92 -14.76
C ALA B 292 8.67 14.66 -14.52
N ALA B 293 9.50 14.76 -15.54
CA ALA B 293 10.91 14.51 -15.32
C ALA B 293 11.85 15.41 -16.08
N PRO B 294 12.86 15.95 -15.40
CA PRO B 294 13.79 16.82 -16.11
C PRO B 294 14.44 15.99 -17.20
N LEU B 295 14.99 16.66 -18.19
CA LEU B 295 15.63 15.98 -19.30
C LEU B 295 16.68 14.98 -18.83
N SER B 296 17.42 15.31 -17.77
CA SER B 296 18.44 14.42 -17.26
C SER B 296 17.87 13.06 -16.82
N THR B 297 16.64 13.06 -16.32
CA THR B 297 16.04 11.82 -15.87
C THR B 297 15.78 10.88 -17.04
N PHE B 298 16.31 11.23 -18.20
CA PHE B 298 16.14 10.40 -19.38
C PHE B 298 17.33 9.50 -19.67
N ASP B 299 17.05 8.43 -20.40
CA ASP B 299 18.07 7.47 -20.80
C ASP B 299 17.69 6.89 -22.15
N THR B 300 18.11 7.62 -23.17
CA THR B 300 17.87 7.31 -24.57
C THR B 300 18.58 6.05 -25.03
N LYS B 301 19.64 5.70 -24.32
CA LYS B 301 20.45 4.55 -24.67
C LYS B 301 19.85 3.18 -24.31
N VAL B 302 18.53 3.14 -24.14
CA VAL B 302 17.85 1.87 -23.88
C VAL B 302 16.61 1.86 -24.76
N LYS B 303 16.14 0.66 -25.09
CA LYS B 303 15.00 0.51 -25.98
C LYS B 303 13.64 0.41 -25.30
N CYS B 304 13.68 0.27 -23.97
CA CYS B 304 12.47 0.12 -23.19
C CYS B 304 12.84 -0.03 -21.72
N GLY B 305 11.83 0.04 -20.85
CA GLY B 305 12.06 -0.09 -19.43
C GLY B 305 12.44 -1.47 -18.96
N ALA B 306 11.76 -2.47 -19.49
CA ALA B 306 12.06 -3.84 -19.12
C ALA B 306 13.58 -4.07 -18.99
N ASP B 307 14.37 -3.17 -19.57
CA ASP B 307 15.83 -3.24 -19.53
C ASP B 307 16.47 -2.31 -18.50
N ILE B 308 15.63 -1.70 -17.66
CA ILE B 308 16.08 -0.76 -16.65
C ILE B 308 16.29 -1.41 -15.29
N PRO B 309 17.54 -1.43 -14.81
CA PRO B 309 17.90 -2.02 -13.53
C PRO B 309 16.97 -1.67 -12.37
N ILE B 310 16.10 -2.58 -11.98
CA ILE B 310 15.21 -2.28 -10.86
C ILE B 310 15.83 -2.71 -9.53
N GLU B 311 16.28 -1.69 -8.79
CA GLU B 311 16.92 -1.85 -7.49
C GLU B 311 16.05 -2.65 -6.57
N GLU B 312 16.69 -3.38 -5.69
CA GLU B 312 15.96 -4.17 -4.73
C GLU B 312 16.66 -3.92 -3.41
N ARG B 313 15.91 -3.37 -2.45
CA ARG B 313 16.46 -3.01 -1.14
C ARG B 313 16.24 -4.00 -0.02
N ASP B 314 16.96 -3.75 1.06
CA ASP B 314 16.92 -4.59 2.25
C ASP B 314 15.53 -4.98 2.65
N PRO B 315 15.30 -6.30 2.75
CA PRO B 315 14.04 -6.93 3.14
C PRO B 315 13.44 -6.40 4.41
N GLU B 316 14.25 -6.15 5.44
CA GLU B 316 13.70 -5.64 6.68
C GLU B 316 12.99 -4.30 6.46
N GLU B 317 12.90 -3.89 5.20
CA GLU B 317 12.23 -2.62 4.87
C GLU B 317 10.71 -2.85 4.83
N VAL B 318 10.32 -4.04 4.37
CA VAL B 318 8.93 -4.47 4.27
C VAL B 318 8.49 -5.16 5.55
N ARG B 319 9.45 -5.45 6.42
CA ARG B 319 9.15 -6.17 7.65
C ARG B 319 8.91 -5.33 8.86
N GLN B 320 8.77 -4.04 8.69
CA GLN B 320 8.56 -3.19 9.84
C GLN B 320 8.23 -1.77 9.44
N ILE B 321 7.90 -0.93 10.42
CA ILE B 321 7.59 0.45 10.14
C ILE B 321 8.25 1.26 11.23
N SER B 322 9.31 1.97 10.81
CA SER B 322 10.11 2.81 11.68
C SER B 322 10.45 2.14 13.02
N GLY B 323 11.18 1.03 12.92
CA GLY B 323 11.59 0.30 14.11
C GLY B 323 10.57 -0.69 14.63
N VAL B 324 9.30 -0.43 14.34
CA VAL B 324 8.22 -1.28 14.80
C VAL B 324 8.13 -2.50 13.92
N ARG B 325 8.36 -3.69 14.48
CA ARG B 325 8.24 -4.87 13.65
C ARG B 325 6.76 -5.15 13.34
N THR B 326 6.43 -5.17 12.06
CA THR B 326 5.05 -5.38 11.59
C THR B 326 4.76 -6.80 11.16
N ALA B 327 5.82 -7.51 10.79
CA ALA B 327 5.69 -8.88 10.33
C ALA B 327 6.70 -9.76 11.04
N PRO B 328 6.47 -11.08 11.01
CA PRO B 328 7.44 -11.95 11.68
C PRO B 328 8.78 -11.87 10.95
N SER B 329 9.84 -11.47 11.64
CA SER B 329 11.15 -11.41 11.03
C SER B 329 11.29 -12.74 10.33
N ASN B 330 12.21 -12.89 9.41
CA ASN B 330 12.35 -14.20 8.81
C ASN B 330 11.27 -14.47 7.73
N VAL B 331 10.16 -13.74 7.76
CA VAL B 331 9.14 -13.91 6.72
C VAL B 331 9.75 -13.41 5.42
N PRO B 332 9.85 -14.27 4.42
CA PRO B 332 10.41 -13.92 3.12
C PRO B 332 9.73 -12.67 2.57
N VAL B 333 10.49 -11.72 2.03
CA VAL B 333 9.88 -10.51 1.48
C VAL B 333 10.35 -10.22 0.06
N PHE B 334 9.50 -9.56 -0.71
CA PHE B 334 9.89 -9.16 -2.06
C PHE B 334 9.88 -7.65 -1.92
N ASN B 335 10.96 -6.99 -2.33
CA ASN B 335 11.07 -5.56 -2.14
C ASN B 335 11.74 -4.79 -3.27
N PRO B 336 10.99 -4.56 -4.36
CA PRO B 336 11.50 -3.81 -5.50
C PRO B 336 11.26 -2.34 -5.17
N ALA B 337 12.21 -1.46 -5.48
CA ALA B 337 12.06 -0.03 -5.17
C ALA B 337 11.32 0.77 -6.23
N PHE B 338 11.22 0.19 -7.42
CA PHE B 338 10.57 0.85 -8.53
C PHE B 338 9.90 -0.20 -9.42
N ASP B 339 8.98 0.26 -10.28
CA ASP B 339 8.34 -0.63 -11.23
C ASP B 339 8.39 0.08 -12.58
N ILE B 340 7.68 -0.41 -13.57
CA ILE B 340 7.77 0.24 -14.85
C ILE B 340 6.42 0.48 -15.46
N THR B 341 6.14 1.75 -15.77
CA THR B 341 4.86 2.06 -16.39
C THR B 341 5.09 2.22 -17.88
N PRO B 342 4.62 1.24 -18.68
CA PRO B 342 4.77 1.26 -20.14
C PRO B 342 4.12 2.48 -20.77
N HIS B 343 4.87 3.11 -21.67
CA HIS B 343 4.43 4.32 -22.33
C HIS B 343 2.98 4.37 -22.79
N ASP B 344 2.41 3.25 -23.23
CA ASP B 344 1.03 3.39 -23.66
C ASP B 344 0.04 3.38 -22.53
N LEU B 345 0.47 3.96 -21.42
CA LEU B 345 -0.41 4.07 -20.27
C LEU B 345 -0.28 5.49 -19.79
N ILE B 346 0.78 6.16 -20.23
CA ILE B 346 1.07 7.54 -19.87
C ILE B 346 0.37 8.54 -20.77
N SER B 347 -0.51 9.33 -20.18
CA SER B 347 -1.25 10.33 -20.94
C SER B 347 -0.39 11.52 -21.38
N GLY B 348 0.79 11.66 -20.78
CA GLY B 348 1.65 12.75 -21.15
C GLY B 348 2.84 12.91 -20.23
N ILE B 349 3.98 13.23 -20.84
CA ILE B 349 5.23 13.46 -20.12
C ILE B 349 5.53 14.96 -20.15
N ILE B 350 5.92 15.52 -19.01
CA ILE B 350 6.22 16.94 -18.91
C ILE B 350 7.72 17.16 -18.57
N THR B 351 8.38 17.97 -19.40
CA THR B 351 9.80 18.30 -19.22
C THR B 351 9.99 19.82 -19.14
N GLU B 352 11.24 20.24 -18.93
CA GLU B 352 11.56 21.67 -18.84
C GLU B 352 11.43 22.31 -20.19
N LYS B 353 11.25 21.47 -21.21
CA LYS B 353 11.14 21.87 -22.60
C LYS B 353 9.70 21.85 -23.12
N GLY B 354 8.78 21.27 -22.35
CA GLY B 354 7.38 21.21 -22.76
C GLY B 354 6.70 19.86 -22.56
N ILE B 355 5.48 19.72 -23.09
CA ILE B 355 4.74 18.48 -22.96
C ILE B 355 4.76 17.57 -24.19
N MET B 356 4.66 16.27 -23.94
CA MET B 356 4.61 15.26 -25.00
C MET B 356 3.36 14.46 -24.74
N THR B 357 2.56 14.24 -25.77
CA THR B 357 1.31 13.52 -25.61
C THR B 357 1.12 12.25 -26.46
N GLY B 358 1.88 12.13 -27.55
CA GLY B 358 1.70 10.98 -28.40
C GLY B 358 2.89 10.06 -28.55
N ASN B 359 3.34 9.87 -29.79
CA ASN B 359 4.49 9.01 -30.04
C ASN B 359 5.62 9.57 -29.22
N TYR B 360 5.93 8.91 -28.11
CA TYR B 360 7.00 9.41 -27.28
C TYR B 360 8.37 9.09 -27.86
N GLU B 361 8.50 7.91 -28.46
CA GLU B 361 9.79 7.49 -29.04
C GLU B 361 10.47 8.49 -29.95
N GLU B 362 9.69 9.13 -30.80
CA GLU B 362 10.21 10.11 -31.73
C GLU B 362 10.36 11.47 -31.04
N GLU B 363 9.32 11.91 -30.35
CA GLU B 363 9.34 13.17 -29.63
C GLU B 363 10.56 13.19 -28.74
N ILE B 364 10.74 12.10 -27.99
CA ILE B 364 11.89 11.97 -27.09
C ILE B 364 13.14 12.05 -27.95
N GLU B 365 13.06 11.48 -29.15
CA GLU B 365 14.20 11.51 -30.06
C GLU B 365 14.45 12.91 -30.59
N GLN B 366 13.42 13.56 -31.12
CA GLN B 366 13.58 14.91 -31.65
C GLN B 366 13.59 15.92 -30.51
N LEU B 367 14.43 15.67 -29.51
CA LEU B 367 14.56 16.58 -28.38
C LEU B 367 16.01 16.57 -27.91
N PHE B 368 16.53 15.37 -27.67
CA PHE B 368 17.92 15.22 -27.25
C PHE B 368 18.80 15.41 -28.46
N LYS B 369 18.13 15.79 -29.55
CA LYS B 369 18.79 16.04 -30.82
C LYS B 369 20.09 16.82 -30.56
N GLY B 370 20.03 17.74 -29.59
CA GLY B 370 21.19 18.53 -29.23
C GLY B 370 21.84 18.19 -27.90
S SO4 C . -11.49 -6.85 9.10
O1 SO4 C . -12.78 -6.96 9.79
O2 SO4 C . -11.25 -5.44 8.77
O3 SO4 C . -10.43 -7.27 10.02
O4 SO4 C . -11.51 -7.68 7.88
S SO4 D . 13.64 7.45 -4.01
O1 SO4 D . 12.19 7.32 -3.78
O2 SO4 D . 13.87 8.58 -4.91
O3 SO4 D . 14.32 7.69 -2.75
O4 SO4 D . 14.17 6.24 -4.61
#